data_8ETK
#
_entry.id   8ETK
#
_cell.length_a   108.538
_cell.length_b   108.538
_cell.length_c   160.341
_cell.angle_alpha   90.000
_cell.angle_beta   90.000
_cell.angle_gamma   90.000
#
_symmetry.space_group_name_H-M   'P 43 21 2'
#
loop_
_entity.id
_entity.type
_entity.pdbx_description
1 polymer 'Conjugated bile salt hydrolase'
2 non-polymer '(5R)-5-[(1R,3aS,3bR,5aR,7R,9aS,9bS,11aR)-9a,11a-dimethyl-7-(2-{2-[(prop-2-yn-1-yl)oxy]ethoxy}ethoxy)hexadecahydro-1H-cyclopenta[a]phenanthren-1-yl]-1-fluorohexan-2-one (non-preferred name)'
3 non-polymer 'SODIUM ION'
4 water water
#
_entity_poly.entity_id   1
_entity_poly.type   'polypeptide(L)'
_entity_poly.pdbx_seq_one_letter_code
;MCTGLRFTDDQGNLYFGRNLDVGQDYGEGVIITPRNYPLPYKFLDNTTTKKAVIGMGIVVDGYPSYFDCFNEDGLGIAGL
NFPHFAKFSDGPIDGKINLASYEIMLWVTQNFTKVSDVKEALKNVNLVNEAINSSFAVAPLHWIISDKDEAIIVEVSKQY
GMKVFDDKLGVLTNSPDFNWHLTNLGNYTGLDPHDATAQSWNGQKVAPWGVGTGSLGLPGDSIPADRFVKAAYLNVNYPT
VKGEKANVAKFFNILKSVAMIKGSVVNKLGSDEYTVYTACYSAATKTYYCNFENDFELKTYKLDDETMNADKLITYHHHH
HH
;
_entity_poly.pdbx_strand_id   A,B
#
# COMPACT_ATOMS: atom_id res chain seq x y z
N CYS A 2 -0.79 -14.15 -0.93
CA CYS A 2 -1.19 -13.59 -2.23
C CYS A 2 -2.62 -13.13 -2.19
N THR A 3 -2.90 -12.03 -2.90
CA THR A 3 -4.24 -11.51 -3.08
C THR A 3 -4.43 -11.24 -4.56
N GLY A 4 -5.51 -11.79 -5.13
CA GLY A 4 -5.90 -11.49 -6.48
C GLY A 4 -7.03 -10.46 -6.45
N LEU A 5 -7.04 -9.59 -7.45
CA LEU A 5 -8.00 -8.49 -7.48
C LEU A 5 -8.41 -8.20 -8.91
N ARG A 6 -9.71 -7.93 -9.12
CA ARG A 6 -10.19 -7.41 -10.40
C ARG A 6 -11.33 -6.42 -10.18
N PHE A 7 -11.48 -5.52 -11.14
CA PHE A 7 -12.64 -4.63 -11.23
C PHE A 7 -12.62 -4.00 -12.63
N THR A 8 -13.66 -3.24 -12.95
CA THR A 8 -13.71 -2.56 -14.24
C THR A 8 -13.92 -1.06 -14.06
N ASP A 9 -13.61 -0.31 -15.13
CA ASP A 9 -13.93 1.11 -15.13
C ASP A 9 -15.38 1.29 -15.61
N ASP A 10 -15.77 2.53 -15.90
CA ASP A 10 -17.16 2.78 -16.30
C ASP A 10 -17.51 2.18 -17.66
N GLN A 11 -16.51 1.93 -18.51
CA GLN A 11 -16.74 1.46 -19.87
C GLN A 11 -16.50 -0.02 -20.04
N GLY A 12 -16.35 -0.76 -18.93
CA GLY A 12 -16.09 -2.18 -19.02
C GLY A 12 -14.66 -2.57 -19.27
N ASN A 13 -13.70 -1.68 -19.05
CA ASN A 13 -12.29 -2.05 -19.20
C ASN A 13 -11.79 -2.72 -17.92
N LEU A 14 -11.22 -3.91 -18.07
CA LEU A 14 -10.83 -4.76 -16.96
C LEU A 14 -9.43 -4.42 -16.43
N TYR A 15 -9.31 -4.39 -15.11
CA TYR A 15 -8.04 -4.29 -14.41
C TYR A 15 -7.96 -5.49 -13.47
N PHE A 16 -6.93 -6.32 -13.65
CA PHE A 16 -6.91 -7.66 -13.05
C PHE A 16 -5.47 -8.07 -12.76
N GLY A 17 -5.19 -8.50 -11.54
CA GLY A 17 -3.82 -8.82 -11.18
C GLY A 17 -3.70 -9.38 -9.77
N ARG A 18 -2.50 -9.30 -9.19
CA ARG A 18 -2.27 -9.99 -7.93
C ARG A 18 -1.02 -9.45 -7.25
N ASN A 19 -0.98 -9.64 -5.92
CA ASN A 19 0.26 -9.62 -5.14
C ASN A 19 0.85 -11.03 -5.12
N LEU A 20 2.16 -11.13 -5.19
CA LEU A 20 2.85 -12.39 -4.96
C LEU A 20 3.53 -12.30 -3.60
N ASP A 21 2.97 -13.00 -2.61
CA ASP A 21 3.48 -12.97 -1.23
C ASP A 21 4.19 -14.30 -0.97
N VAL A 22 5.52 -14.30 -0.86
CA VAL A 22 6.27 -15.56 -0.76
C VAL A 22 7.41 -15.45 0.24
N GLY A 23 7.91 -16.62 0.64
CA GLY A 23 9.04 -16.74 1.53
C GLY A 23 10.34 -17.19 0.89
N GLN A 24 10.40 -17.27 -0.44
CA GLN A 24 11.67 -17.49 -1.12
C GLN A 24 11.58 -16.95 -2.54
N ASP A 25 12.72 -16.94 -3.22
CA ASP A 25 12.86 -16.42 -4.57
C ASP A 25 12.71 -17.56 -5.58
N TYR A 26 11.78 -17.40 -6.52
CA TYR A 26 11.55 -18.42 -7.55
C TYR A 26 12.25 -18.11 -8.87
N GLY A 27 12.95 -16.98 -8.98
CA GLY A 27 13.63 -16.68 -10.22
C GLY A 27 12.73 -16.27 -11.37
N GLU A 28 11.52 -15.81 -11.06
CA GLU A 28 10.52 -15.49 -12.07
C GLU A 28 10.86 -14.18 -12.78
N GLY A 29 10.24 -13.99 -13.96
CA GLY A 29 10.38 -12.74 -14.71
C GLY A 29 9.20 -12.62 -15.64
N VAL A 30 9.10 -11.45 -16.29
CA VAL A 30 7.99 -11.24 -17.21
C VAL A 30 8.24 -12.04 -18.49
N ILE A 31 7.23 -12.76 -18.96
CA ILE A 31 7.33 -13.58 -20.15
C ILE A 31 6.19 -13.23 -21.11
N ILE A 32 6.53 -12.92 -22.35
CA ILE A 32 5.54 -12.80 -23.41
C ILE A 32 5.63 -14.04 -24.27
N THR A 33 4.51 -14.76 -24.39
CA THR A 33 4.42 -15.91 -25.28
C THR A 33 3.68 -15.49 -26.54
N PRO A 34 4.29 -15.56 -27.70
CA PRO A 34 3.64 -15.07 -28.92
C PRO A 34 2.69 -16.11 -29.50
N ARG A 35 1.89 -15.65 -30.47
CA ARG A 35 1.09 -16.57 -31.26
C ARG A 35 1.98 -17.58 -31.99
N ASN A 36 1.42 -18.77 -32.23
CA ASN A 36 2.03 -19.85 -32.99
C ASN A 36 3.22 -20.49 -32.30
N TYR A 37 3.34 -20.33 -31.00
CA TYR A 37 4.41 -20.95 -30.23
C TYR A 37 4.03 -22.39 -29.89
N PRO A 38 4.99 -23.33 -29.89
CA PRO A 38 4.65 -24.74 -29.62
C PRO A 38 4.03 -24.93 -28.25
N LEU A 39 2.98 -25.75 -28.19
CA LEU A 39 2.19 -25.91 -26.97
C LEU A 39 1.86 -27.38 -26.74
N PRO A 40 2.74 -28.10 -26.06
CA PRO A 40 2.49 -29.50 -25.78
C PRO A 40 1.53 -29.66 -24.60
N TYR A 41 0.85 -30.82 -24.59
CA TYR A 41 -0.04 -31.22 -23.51
C TYR A 41 0.27 -32.66 -23.10
N LYS A 42 0.20 -32.95 -21.80
CA LYS A 42 0.49 -34.29 -21.32
C LYS A 42 -0.55 -35.30 -21.81
N PHE A 43 -1.82 -34.90 -21.84
CA PHE A 43 -2.91 -35.85 -22.07
C PHE A 43 -3.82 -35.45 -23.23
N LEU A 44 -3.40 -34.49 -24.05
CA LEU A 44 -4.15 -34.05 -25.22
C LEU A 44 -3.18 -33.93 -26.39
N ASP A 45 -3.75 -33.76 -27.58
CA ASP A 45 -2.94 -33.50 -28.77
C ASP A 45 -2.11 -32.24 -28.58
N ASN A 46 -0.82 -32.32 -28.90
CA ASN A 46 0.03 -31.13 -28.92
C ASN A 46 -0.43 -30.17 -30.01
N THR A 47 -0.26 -28.88 -29.76
CA THR A 47 -0.75 -27.89 -30.71
C THR A 47 0.20 -26.70 -30.66
N THR A 48 -0.31 -25.52 -31.03
CA THR A 48 0.44 -24.28 -30.96
C THR A 48 -0.46 -23.22 -30.34
N THR A 49 0.15 -22.17 -29.79
CA THR A 49 -0.65 -21.09 -29.23
C THR A 49 -1.39 -20.36 -30.34
N LYS A 50 -2.67 -20.03 -30.08
CA LYS A 50 -3.47 -19.20 -30.98
C LYS A 50 -3.55 -17.75 -30.52
N LYS A 51 -3.30 -17.46 -29.25
CA LYS A 51 -3.34 -16.11 -28.72
C LYS A 51 -2.05 -15.77 -28.02
N ALA A 52 -1.64 -14.50 -28.13
CA ALA A 52 -0.51 -14.02 -27.36
C ALA A 52 -0.92 -13.85 -25.89
N VAL A 53 0.03 -14.09 -24.98
CA VAL A 53 -0.20 -13.91 -23.55
C VAL A 53 1.03 -13.29 -22.91
N ILE A 54 0.80 -12.58 -21.79
CA ILE A 54 1.84 -11.94 -21.02
C ILE A 54 1.59 -12.25 -19.55
N GLY A 55 2.67 -12.31 -18.78
CA GLY A 55 2.55 -12.53 -17.34
C GLY A 55 3.90 -12.79 -16.71
N MET A 56 3.87 -13.08 -15.41
CA MET A 56 5.06 -13.45 -14.64
C MET A 56 5.19 -14.98 -14.63
N GLY A 57 6.41 -15.47 -14.80
CA GLY A 57 6.63 -16.90 -14.58
C GLY A 57 8.08 -17.31 -14.77
N ILE A 58 8.26 -18.61 -14.99
CA ILE A 58 9.56 -19.17 -15.33
C ILE A 58 9.39 -19.98 -16.60
N VAL A 59 10.52 -20.27 -17.24
CA VAL A 59 10.53 -21.09 -18.45
C VAL A 59 11.22 -22.41 -18.13
N VAL A 60 10.54 -23.50 -18.44
CA VAL A 60 11.02 -24.85 -18.15
C VAL A 60 11.08 -25.59 -19.49
N ASP A 61 12.29 -25.82 -19.98
CA ASP A 61 12.50 -26.53 -21.24
C ASP A 61 11.68 -25.90 -22.38
N GLY A 62 11.63 -24.58 -22.40
CA GLY A 62 10.89 -23.87 -23.42
C GLY A 62 9.42 -23.67 -23.15
N TYR A 63 8.90 -24.20 -22.05
CA TYR A 63 7.48 -24.06 -21.72
C TYR A 63 7.29 -22.92 -20.74
N PRO A 64 6.55 -21.86 -21.10
CA PRO A 64 6.33 -20.76 -20.13
C PRO A 64 5.38 -21.18 -19.03
N SER A 65 5.89 -21.27 -17.80
CA SER A 65 5.11 -21.70 -16.65
C SER A 65 4.71 -20.46 -15.85
N TYR A 66 3.45 -20.04 -16.02
CA TYR A 66 3.00 -18.75 -15.55
C TYR A 66 2.49 -18.79 -14.11
N PHE A 67 2.87 -17.80 -13.30
CA PHE A 67 2.22 -17.54 -12.03
C PHE A 67 0.87 -16.85 -12.24
N ASP A 68 0.81 -15.98 -13.25
CA ASP A 68 -0.39 -15.28 -13.67
C ASP A 68 -0.21 -14.98 -15.15
N CYS A 69 -1.32 -14.97 -15.90
CA CYS A 69 -1.14 -14.63 -17.30
C CYS A 69 -2.46 -14.24 -17.95
N PHE A 70 -2.33 -13.48 -19.04
CA PHE A 70 -3.43 -12.68 -19.56
C PHE A 70 -3.34 -12.71 -21.08
N ASN A 71 -4.44 -13.01 -21.76
CA ASN A 71 -4.32 -13.08 -23.21
C ASN A 71 -4.69 -11.74 -23.87
N GLU A 72 -4.39 -11.66 -25.17
CA GLU A 72 -4.60 -10.42 -25.92
C GLU A 72 -6.07 -10.03 -26.02
N ASP A 73 -6.98 -10.97 -25.77
CA ASP A 73 -8.41 -10.71 -25.83
C ASP A 73 -9.02 -10.34 -24.48
N GLY A 74 -8.21 -10.10 -23.46
CA GLY A 74 -8.71 -9.56 -22.21
C GLY A 74 -9.19 -10.57 -21.19
N LEU A 75 -8.83 -11.85 -21.35
CA LEU A 75 -9.14 -12.86 -20.35
C LEU A 75 -7.85 -13.31 -19.66
N GLY A 76 -7.88 -13.43 -18.34
CA GLY A 76 -6.70 -13.79 -17.58
C GLY A 76 -6.97 -14.82 -16.49
N ILE A 77 -5.88 -15.25 -15.86
CA ILE A 77 -5.94 -16.23 -14.78
C ILE A 77 -4.72 -16.03 -13.90
N ALA A 78 -4.90 -16.20 -12.59
CA ALA A 78 -3.79 -16.20 -11.65
C ALA A 78 -3.90 -17.43 -10.77
N GLY A 79 -2.76 -18.07 -10.54
CA GLY A 79 -2.68 -19.20 -9.62
C GLY A 79 -2.20 -18.71 -8.27
N LEU A 80 -2.95 -19.05 -7.22
CA LEU A 80 -2.61 -18.72 -5.86
C LEU A 80 -2.52 -20.00 -5.05
N ASN A 81 -1.70 -19.99 -4.00
CA ASN A 81 -1.59 -21.17 -3.15
C ASN A 81 -2.87 -21.49 -2.39
N PHE A 82 -3.13 -22.79 -2.28
CA PHE A 82 -4.31 -23.34 -1.62
C PHE A 82 -3.86 -24.49 -0.71
N PRO A 83 -2.89 -24.25 0.17
CA PRO A 83 -2.29 -25.36 0.92
C PRO A 83 -3.28 -25.99 1.89
N HIS A 84 -3.02 -27.27 2.19
CA HIS A 84 -3.84 -28.07 3.09
C HIS A 84 -5.21 -28.36 2.49
N PHE A 85 -5.45 -28.02 1.23
CA PHE A 85 -6.74 -28.24 0.59
C PHE A 85 -6.55 -28.82 -0.80
N ALA A 86 -5.75 -28.14 -1.63
CA ALA A 86 -5.63 -28.54 -3.03
C ALA A 86 -5.24 -30.00 -3.15
N LYS A 87 -6.00 -30.76 -3.95
CA LYS A 87 -5.66 -32.14 -4.24
C LYS A 87 -6.24 -32.52 -5.59
N PHE A 88 -5.36 -32.90 -6.51
CA PHE A 88 -5.74 -33.19 -7.89
C PHE A 88 -5.82 -34.71 -8.11
N SER A 89 -6.45 -35.11 -9.22
CA SER A 89 -6.63 -36.54 -9.49
C SER A 89 -5.29 -37.25 -9.64
N ASP A 90 -5.20 -38.45 -9.07
CA ASP A 90 -3.98 -39.25 -9.21
C ASP A 90 -4.07 -40.08 -10.49
N GLY A 91 -4.13 -39.36 -11.61
CA GLY A 91 -4.16 -39.97 -12.91
C GLY A 91 -5.25 -39.37 -13.77
N PRO A 92 -5.10 -39.50 -15.09
CA PRO A 92 -6.19 -39.08 -15.98
C PRO A 92 -7.35 -40.06 -15.94
N ILE A 93 -8.54 -39.54 -16.24
CA ILE A 93 -9.79 -40.29 -16.22
C ILE A 93 -10.30 -40.41 -17.65
N ASP A 94 -10.63 -41.63 -18.06
CA ASP A 94 -11.11 -41.84 -19.42
C ASP A 94 -12.37 -41.02 -19.69
N GLY A 95 -12.39 -40.33 -20.84
CA GLY A 95 -13.53 -39.54 -21.23
C GLY A 95 -13.50 -38.09 -20.83
N LYS A 96 -12.61 -37.69 -19.92
CA LYS A 96 -12.53 -36.29 -19.51
C LYS A 96 -11.50 -35.53 -20.35
N ILE A 97 -11.58 -34.20 -20.28
CA ILE A 97 -10.47 -33.36 -20.73
C ILE A 97 -9.46 -33.34 -19.59
N ASN A 98 -8.38 -34.11 -19.72
CA ASN A 98 -7.41 -34.24 -18.63
C ASN A 98 -6.30 -33.21 -18.80
N LEU A 99 -6.08 -32.42 -17.75
CA LEU A 99 -5.02 -31.42 -17.73
C LEU A 99 -4.17 -31.64 -16.49
N ALA A 100 -2.86 -31.76 -16.65
CA ALA A 100 -2.01 -31.59 -15.48
C ALA A 100 -2.25 -30.20 -14.94
N SER A 101 -2.20 -30.05 -13.61
CA SER A 101 -2.73 -28.81 -13.03
C SER A 101 -1.96 -27.59 -13.53
N TYR A 102 -0.66 -27.75 -13.84
CA TYR A 102 0.10 -26.60 -14.37
C TYR A 102 -0.36 -26.17 -15.76
N GLU A 103 -1.08 -27.04 -16.47
CA GLU A 103 -1.52 -26.74 -17.83
C GLU A 103 -2.74 -25.84 -17.88
N ILE A 104 -3.40 -25.61 -16.75
CA ILE A 104 -4.62 -24.81 -16.78
C ILE A 104 -4.34 -23.37 -17.21
N MET A 105 -3.18 -22.79 -16.84
CA MET A 105 -2.84 -21.43 -17.21
C MET A 105 -2.98 -21.20 -18.71
N LEU A 106 -2.31 -22.03 -19.51
CA LEU A 106 -2.35 -21.81 -20.95
C LEU A 106 -3.60 -22.42 -21.59
N TRP A 107 -4.16 -23.49 -21.02
CA TRP A 107 -5.39 -24.02 -21.60
C TRP A 107 -6.51 -23.00 -21.55
N VAL A 108 -6.64 -22.31 -20.41
CA VAL A 108 -7.68 -21.28 -20.30
C VAL A 108 -7.39 -20.11 -21.24
N THR A 109 -6.17 -19.57 -21.19
CA THR A 109 -5.90 -18.34 -21.94
C THR A 109 -5.79 -18.59 -23.44
N GLN A 110 -5.51 -19.82 -23.87
CA GLN A 110 -5.38 -20.08 -25.29
C GLN A 110 -6.71 -20.40 -25.96
N ASN A 111 -7.71 -20.87 -25.21
CA ASN A 111 -8.93 -21.38 -25.83
C ASN A 111 -10.18 -20.54 -25.58
N PHE A 112 -10.11 -19.51 -24.74
CA PHE A 112 -11.32 -18.83 -24.32
C PHE A 112 -11.15 -17.32 -24.33
N THR A 113 -12.26 -16.62 -24.56
CA THR A 113 -12.31 -15.18 -24.32
C THR A 113 -13.37 -14.79 -23.30
N LYS A 114 -14.30 -15.69 -22.98
CA LYS A 114 -15.39 -15.40 -22.08
C LYS A 114 -15.36 -16.38 -20.91
N VAL A 115 -15.56 -15.88 -19.70
CA VAL A 115 -15.57 -16.76 -18.54
C VAL A 115 -16.79 -17.68 -18.57
N SER A 116 -17.91 -17.22 -19.16
CA SER A 116 -19.07 -18.10 -19.27
C SER A 116 -18.74 -19.36 -20.06
N ASP A 117 -17.91 -19.25 -21.10
CA ASP A 117 -17.49 -20.44 -21.84
C ASP A 117 -16.57 -21.32 -20.99
N VAL A 118 -15.63 -20.69 -20.26
CA VAL A 118 -14.73 -21.46 -19.40
C VAL A 118 -15.53 -22.31 -18.42
N LYS A 119 -16.52 -21.68 -17.78
CA LYS A 119 -17.34 -22.37 -16.78
C LYS A 119 -18.04 -23.58 -17.38
N GLU A 120 -18.53 -23.47 -18.62
CA GLU A 120 -19.17 -24.61 -19.25
C GLU A 120 -18.16 -25.68 -19.61
N ALA A 121 -16.99 -25.30 -20.12
CA ALA A 121 -15.99 -26.28 -20.51
C ALA A 121 -15.42 -27.03 -19.30
N LEU A 122 -15.33 -26.36 -18.15
CA LEU A 122 -14.76 -27.00 -16.97
C LEU A 122 -15.61 -28.16 -16.47
N LYS A 123 -16.87 -28.26 -16.92
CA LYS A 123 -17.74 -29.36 -16.51
C LYS A 123 -17.22 -30.71 -16.96
N ASN A 124 -16.34 -30.75 -17.97
CA ASN A 124 -15.75 -32.00 -18.43
C ASN A 124 -14.24 -32.06 -18.20
N VAL A 125 -13.68 -31.17 -17.36
CA VAL A 125 -12.24 -31.09 -17.14
C VAL A 125 -11.87 -31.87 -15.89
N ASN A 126 -10.75 -32.57 -15.94
CA ASN A 126 -10.18 -33.26 -14.80
C ASN A 126 -8.74 -32.79 -14.62
N LEU A 127 -8.44 -32.19 -13.48
CA LEU A 127 -7.08 -31.74 -13.19
C LEU A 127 -6.29 -32.89 -12.57
N VAL A 128 -5.05 -33.07 -13.03
CA VAL A 128 -4.25 -34.24 -12.69
C VAL A 128 -3.02 -33.82 -11.90
N ASN A 129 -2.70 -34.61 -10.87
CA ASN A 129 -1.56 -34.42 -9.99
C ASN A 129 -0.28 -34.87 -10.69
N GLU A 130 0.20 -34.03 -11.60
CA GLU A 130 1.38 -34.34 -12.40
C GLU A 130 2.17 -33.07 -12.69
N ALA A 131 3.48 -33.11 -12.44
CA ALA A 131 4.35 -31.96 -12.67
C ALA A 131 4.87 -31.93 -14.11
N ILE A 132 5.46 -30.79 -14.49
CA ILE A 132 5.94 -30.65 -15.86
C ILE A 132 7.04 -31.67 -16.13
N ASN A 133 7.94 -31.87 -15.16
CA ASN A 133 8.90 -32.96 -15.21
C ASN A 133 9.25 -33.32 -13.77
N SER A 134 10.03 -34.39 -13.61
CA SER A 134 10.21 -34.98 -12.29
C SER A 134 11.13 -34.17 -11.38
N SER A 135 11.74 -33.10 -11.88
CA SER A 135 12.49 -32.17 -11.05
C SER A 135 11.62 -31.14 -10.33
N PHE A 136 10.32 -31.14 -10.59
CA PHE A 136 9.37 -30.17 -10.02
C PHE A 136 8.33 -30.89 -9.20
N ALA A 137 7.94 -30.29 -8.08
CA ALA A 137 6.77 -30.74 -7.36
C ALA A 137 5.51 -30.10 -7.96
N VAL A 138 4.36 -30.67 -7.62
CA VAL A 138 3.08 -30.11 -8.05
C VAL A 138 2.69 -29.01 -7.08
N ALA A 139 2.39 -27.82 -7.59
CA ALA A 139 2.02 -26.72 -6.69
C ALA A 139 0.56 -26.85 -6.28
N PRO A 140 0.24 -26.70 -4.99
CA PRO A 140 -1.16 -26.88 -4.55
C PRO A 140 -2.00 -25.62 -4.78
N LEU A 141 -2.36 -25.35 -6.02
CA LEU A 141 -2.94 -24.05 -6.36
C LEU A 141 -4.47 -24.07 -6.36
N HIS A 142 -5.05 -22.88 -6.24
CA HIS A 142 -6.40 -22.61 -6.74
C HIS A 142 -6.30 -21.38 -7.63
N TRP A 143 -7.37 -21.06 -8.37
CA TRP A 143 -7.25 -20.08 -9.44
C TRP A 143 -8.39 -19.07 -9.42
N ILE A 144 -8.08 -17.83 -9.80
CA ILE A 144 -9.10 -16.85 -10.13
C ILE A 144 -8.98 -16.54 -11.62
N ILE A 145 -10.10 -16.62 -12.33
CA ILE A 145 -10.17 -16.35 -13.77
C ILE A 145 -11.17 -15.22 -13.98
N SER A 146 -10.84 -14.26 -14.85
CA SER A 146 -11.73 -13.13 -15.03
C SER A 146 -11.71 -12.62 -16.46
N ASP A 147 -12.87 -12.20 -16.95
CA ASP A 147 -12.96 -11.32 -18.11
C ASP A 147 -13.59 -10.02 -17.60
N LYS A 148 -14.04 -9.18 -18.53
CA LYS A 148 -14.62 -7.90 -18.10
C LYS A 148 -15.97 -8.08 -17.41
N ASP A 149 -16.60 -9.23 -17.56
CA ASP A 149 -17.96 -9.40 -17.06
C ASP A 149 -18.04 -10.18 -15.75
N GLU A 150 -17.22 -11.23 -15.57
CA GLU A 150 -17.28 -12.00 -14.34
C GLU A 150 -15.91 -12.55 -14.03
N ALA A 151 -15.66 -12.72 -12.73
CA ALA A 151 -14.57 -13.55 -12.23
C ALA A 151 -15.15 -14.83 -11.63
N ILE A 152 -14.43 -15.94 -11.83
CA ILE A 152 -14.77 -17.21 -11.21
C ILE A 152 -13.56 -17.75 -10.47
N ILE A 153 -13.82 -18.58 -9.46
CA ILE A 153 -12.81 -19.25 -8.65
C ILE A 153 -12.87 -20.73 -8.99
N VAL A 154 -11.72 -21.34 -9.23
CA VAL A 154 -11.64 -22.77 -9.49
C VAL A 154 -10.85 -23.40 -8.36
N GLU A 155 -11.48 -24.33 -7.64
CA GLU A 155 -10.83 -25.02 -6.53
C GLU A 155 -11.08 -26.52 -6.64
N VAL A 156 -10.03 -27.31 -6.48
CA VAL A 156 -10.14 -28.78 -6.42
C VAL A 156 -9.49 -29.23 -5.13
N SER A 157 -10.28 -29.78 -4.22
CA SER A 157 -9.77 -30.07 -2.90
C SER A 157 -10.03 -31.52 -2.55
N LYS A 158 -9.17 -32.05 -1.68
CA LYS A 158 -9.47 -33.36 -1.11
C LYS A 158 -10.78 -33.32 -0.36
N GLN A 159 -11.15 -32.15 0.19
CA GLN A 159 -12.35 -32.02 1.01
C GLN A 159 -13.64 -31.96 0.18
N TYR A 160 -13.65 -31.21 -0.93
CA TYR A 160 -14.90 -30.94 -1.64
C TYR A 160 -14.91 -31.30 -3.13
N GLY A 161 -13.85 -31.89 -3.67
CA GLY A 161 -13.83 -32.12 -5.10
C GLY A 161 -13.65 -30.81 -5.86
N MET A 162 -14.09 -30.81 -7.13
CA MET A 162 -13.94 -29.65 -7.98
C MET A 162 -15.14 -28.72 -7.84
N LYS A 163 -14.88 -27.46 -7.54
CA LYS A 163 -15.89 -26.44 -7.35
C LYS A 163 -15.53 -25.24 -8.22
N VAL A 164 -16.55 -24.63 -8.82
CA VAL A 164 -16.36 -23.39 -9.58
C VAL A 164 -17.36 -22.38 -9.03
N PHE A 165 -16.84 -21.28 -8.49
CA PHE A 165 -17.69 -20.27 -7.86
C PHE A 165 -17.72 -19.01 -8.69
N ASP A 166 -18.87 -18.32 -8.65
CA ASP A 166 -18.92 -16.94 -9.09
C ASP A 166 -18.39 -16.04 -7.98
N ASP A 167 -17.55 -15.08 -8.34
CA ASP A 167 -16.86 -14.22 -7.38
C ASP A 167 -17.25 -12.77 -7.63
N LYS A 168 -18.38 -12.35 -7.05
CA LYS A 168 -18.80 -10.96 -7.21
C LYS A 168 -17.94 -9.97 -6.42
N LEU A 169 -17.19 -10.45 -5.42
CA LEU A 169 -16.29 -9.58 -4.70
C LEU A 169 -15.06 -9.19 -5.52
N GLY A 170 -14.75 -9.97 -6.57
CA GLY A 170 -13.55 -9.78 -7.37
C GLY A 170 -12.22 -9.97 -6.65
N VAL A 171 -12.16 -10.80 -5.59
CA VAL A 171 -10.92 -11.02 -4.86
C VAL A 171 -10.74 -12.50 -4.54
N LEU A 172 -9.49 -12.87 -4.26
CA LEU A 172 -9.16 -14.22 -3.82
C LEU A 172 -7.87 -14.14 -3.01
N THR A 173 -7.78 -14.94 -1.95
CA THR A 173 -6.51 -15.04 -1.24
C THR A 173 -6.09 -16.50 -1.18
N ASN A 174 -5.88 -17.04 0.03
CA ASN A 174 -5.38 -18.40 0.14
C ASN A 174 -6.34 -19.22 0.99
N SER A 175 -5.82 -20.19 1.74
CA SER A 175 -6.72 -21.13 2.41
C SER A 175 -7.40 -20.47 3.62
N PRO A 176 -8.58 -20.92 4.00
CA PRO A 176 -9.32 -22.09 3.44
C PRO A 176 -10.11 -21.83 2.15
N ASP A 177 -11.11 -22.68 1.89
CA ASP A 177 -11.81 -22.72 0.62
C ASP A 177 -12.70 -21.49 0.44
N PHE A 178 -13.14 -21.25 -0.80
CA PHE A 178 -13.75 -19.98 -1.14
C PHE A 178 -15.10 -19.79 -0.45
N ASN A 179 -15.91 -20.85 -0.37
CA ASN A 179 -17.19 -20.75 0.34
C ASN A 179 -16.97 -20.39 1.81
N TRP A 180 -15.91 -20.92 2.43
CA TRP A 180 -15.59 -20.55 3.80
C TRP A 180 -15.42 -19.03 3.92
N HIS A 181 -14.64 -18.43 3.02
CA HIS A 181 -14.41 -16.98 3.08
C HIS A 181 -15.69 -16.19 2.83
N LEU A 182 -16.48 -16.60 1.82
CA LEU A 182 -17.77 -15.96 1.57
C LEU A 182 -18.63 -15.97 2.84
N THR A 183 -18.73 -17.15 3.46
CA THR A 183 -19.50 -17.30 4.69
C THR A 183 -18.94 -16.41 5.82
N ASN A 184 -17.61 -16.28 5.90
CA ASN A 184 -16.98 -15.44 6.92
C ASN A 184 -17.44 -13.99 6.82
N LEU A 185 -17.72 -13.51 5.60
CA LEU A 185 -18.13 -12.12 5.43
C LEU A 185 -19.37 -11.79 6.27
N GLY A 186 -20.25 -12.77 6.47
CA GLY A 186 -21.45 -12.54 7.29
C GLY A 186 -21.12 -12.06 8.71
N ASN A 187 -19.96 -12.45 9.23
CA ASN A 187 -19.54 -12.04 10.57
C ASN A 187 -18.99 -10.63 10.61
N TYR A 188 -18.84 -9.96 9.46
CA TYR A 188 -18.30 -8.59 9.43
C TYR A 188 -19.35 -7.58 8.97
N THR A 189 -20.62 -7.95 9.02
CA THR A 189 -21.68 -7.03 8.63
C THR A 189 -21.76 -5.81 9.53
N GLY A 190 -21.12 -5.84 10.69
CA GLY A 190 -21.04 -4.64 11.52
C GLY A 190 -20.18 -3.54 10.97
N LEU A 191 -19.35 -3.84 9.96
CA LEU A 191 -18.50 -2.82 9.33
C LEU A 191 -19.35 -1.80 8.56
N ASP A 192 -18.92 -0.53 8.59
CA ASP A 192 -19.61 0.58 7.93
C ASP A 192 -18.61 1.66 7.58
N PRO A 193 -18.49 2.05 6.31
CA PRO A 193 -17.60 3.17 5.97
C PRO A 193 -17.96 4.48 6.67
N HIS A 194 -19.22 4.66 7.06
CA HIS A 194 -19.65 5.91 7.69
C HIS A 194 -19.14 6.01 9.12
N ASP A 195 -18.47 7.12 9.41
CA ASP A 195 -17.97 7.41 10.74
C ASP A 195 -19.10 7.36 11.77
N ALA A 196 -18.75 6.96 12.99
CA ALA A 196 -19.63 7.18 14.12
C ALA A 196 -19.58 8.66 14.51
N THR A 197 -20.45 9.05 15.44
CA THR A 197 -20.45 10.39 16.01
C THR A 197 -20.60 10.30 17.52
N ALA A 198 -20.68 11.46 18.18
CA ALA A 198 -20.60 11.54 19.63
C ALA A 198 -21.76 10.79 20.29
N GLN A 199 -21.46 10.14 21.41
CA GLN A 199 -22.41 9.32 22.14
C GLN A 199 -22.37 9.73 23.61
N SER A 200 -23.40 9.32 24.33
CA SER A 200 -23.45 9.55 25.78
C SER A 200 -23.50 8.19 26.46
N TRP A 201 -22.43 7.85 27.18
CA TRP A 201 -22.39 6.60 27.95
C TRP A 201 -22.71 6.99 29.39
N ASN A 202 -23.99 6.85 29.75
CA ASN A 202 -24.51 7.30 31.04
C ASN A 202 -24.03 8.71 31.37
N GLY A 203 -24.08 9.61 30.37
CA GLY A 203 -23.70 11.00 30.57
C GLY A 203 -22.24 11.31 30.33
N GLN A 204 -21.38 10.30 30.19
CA GLN A 204 -20.00 10.55 29.82
C GLN A 204 -19.96 10.70 28.30
N LYS A 205 -19.45 11.84 27.83
CA LYS A 205 -19.30 12.03 26.39
C LYS A 205 -18.23 11.09 25.85
N VAL A 206 -18.59 10.28 24.86
CA VAL A 206 -17.65 9.39 24.18
C VAL A 206 -17.79 9.69 22.69
N ALA A 207 -16.71 10.18 22.08
CA ALA A 207 -16.80 10.69 20.73
C ALA A 207 -15.54 10.33 19.96
N PRO A 208 -15.64 10.14 18.64
CA PRO A 208 -14.46 9.81 17.83
C PRO A 208 -13.36 10.85 17.96
N TRP A 209 -12.13 10.38 17.99
CA TRP A 209 -10.98 11.28 17.95
C TRP A 209 -10.56 11.65 16.53
N GLY A 210 -10.95 10.84 15.55
CA GLY A 210 -10.64 11.07 14.16
C GLY A 210 -11.58 10.21 13.34
N VAL A 211 -11.42 10.28 12.01
CA VAL A 211 -12.29 9.53 11.11
C VAL A 211 -11.87 8.06 11.10
N GLY A 212 -12.75 7.21 10.58
CA GLY A 212 -12.50 5.79 10.45
C GLY A 212 -13.24 4.90 11.41
N THR A 213 -14.01 5.46 12.36
CA THR A 213 -14.54 4.65 13.47
C THR A 213 -15.58 3.64 13.04
N GLY A 214 -16.20 3.80 11.86
CA GLY A 214 -17.19 2.84 11.44
C GLY A 214 -16.62 1.47 11.10
N SER A 215 -15.31 1.40 10.82
CA SER A 215 -14.69 0.14 10.43
C SER A 215 -13.96 -0.54 11.58
N LEU A 216 -14.37 -0.25 12.83
CA LEU A 216 -13.88 -1.01 13.97
C LEU A 216 -13.99 -2.51 13.72
N GLY A 217 -12.90 -3.23 13.97
CA GLY A 217 -12.87 -4.67 13.76
C GLY A 217 -12.29 -5.10 12.41
N LEU A 218 -12.03 -4.17 11.52
CA LEU A 218 -11.42 -4.53 10.25
C LEU A 218 -10.00 -5.03 10.51
N PRO A 219 -9.65 -6.26 10.11
CA PRO A 219 -8.34 -6.80 10.47
C PRO A 219 -7.26 -6.27 9.54
N GLY A 220 -6.06 -6.09 10.09
CA GLY A 220 -4.94 -5.57 9.34
C GLY A 220 -3.76 -6.52 9.25
N ASP A 221 -3.91 -7.74 9.76
CA ASP A 221 -2.84 -8.73 9.68
C ASP A 221 -2.92 -9.47 8.34
N SER A 222 -1.95 -10.35 8.12
CA SER A 222 -1.80 -11.00 6.83
C SER A 222 -2.36 -12.43 6.80
N ILE A 223 -3.10 -12.87 7.81
CA ILE A 223 -3.78 -14.18 7.73
C ILE A 223 -4.68 -14.18 6.50
N PRO A 224 -4.72 -15.28 5.70
CA PRO A 224 -5.49 -15.23 4.45
C PRO A 224 -6.94 -14.81 4.62
N ALA A 225 -7.61 -15.28 5.67
CA ALA A 225 -9.00 -14.89 5.90
C ALA A 225 -9.14 -13.39 6.13
N ASP A 226 -8.16 -12.79 6.79
CA ASP A 226 -8.24 -11.37 7.12
C ASP A 226 -7.97 -10.51 5.90
N ARG A 227 -6.97 -10.86 5.10
CA ARG A 227 -6.75 -10.16 3.84
C ARG A 227 -7.98 -10.29 2.93
N PHE A 228 -8.64 -11.46 2.95
CA PHE A 228 -9.85 -11.65 2.14
C PHE A 228 -10.92 -10.65 2.55
N VAL A 229 -11.24 -10.61 3.85
CA VAL A 229 -12.24 -9.66 4.34
C VAL A 229 -11.87 -8.24 3.93
N LYS A 230 -10.62 -7.82 4.20
CA LYS A 230 -10.28 -6.42 3.95
C LYS A 230 -10.28 -6.10 2.46
N ALA A 231 -9.72 -6.99 1.64
CA ALA A 231 -9.68 -6.74 0.20
C ALA A 231 -11.09 -6.69 -0.40
N ALA A 232 -11.96 -7.58 0.05
CA ALA A 232 -13.34 -7.56 -0.44
C ALA A 232 -14.04 -6.26 -0.02
N TYR A 233 -13.93 -5.89 1.26
CA TYR A 233 -14.49 -4.64 1.75
C TYR A 233 -13.96 -3.44 0.97
N LEU A 234 -12.64 -3.38 0.73
CA LEU A 234 -12.09 -2.25 -0.03
C LEU A 234 -12.59 -2.25 -1.48
N ASN A 235 -12.63 -3.42 -2.11
CA ASN A 235 -12.98 -3.46 -3.54
C ASN A 235 -14.42 -3.04 -3.76
N VAL A 236 -15.35 -3.54 -2.95
CA VAL A 236 -16.76 -3.24 -3.21
C VAL A 236 -17.10 -1.80 -2.82
N ASN A 237 -16.31 -1.15 -1.97
CA ASN A 237 -16.58 0.22 -1.57
C ASN A 237 -15.78 1.25 -2.35
N TYR A 238 -14.77 0.84 -3.12
CA TYR A 238 -14.01 1.81 -3.91
C TYR A 238 -14.85 2.26 -5.10
N PRO A 239 -15.04 3.57 -5.31
CA PRO A 239 -15.87 4.01 -6.43
C PRO A 239 -15.24 3.64 -7.76
N THR A 240 -16.10 3.45 -8.77
CA THR A 240 -15.60 3.34 -10.13
C THR A 240 -14.90 4.64 -10.51
N VAL A 241 -13.74 4.53 -11.15
CA VAL A 241 -12.97 5.69 -11.56
C VAL A 241 -12.74 5.62 -13.07
N LYS A 242 -12.23 6.72 -13.63
CA LYS A 242 -12.21 6.91 -15.08
C LYS A 242 -10.78 7.05 -15.59
N GLY A 243 -10.47 6.35 -16.67
CA GLY A 243 -9.15 6.57 -17.26
C GLY A 243 -8.13 5.54 -16.80
N GLU A 244 -7.14 5.30 -17.67
CA GLU A 244 -6.15 4.26 -17.41
C GLU A 244 -5.32 4.58 -16.17
N LYS A 245 -4.83 5.81 -16.06
CA LYS A 245 -4.00 6.17 -14.92
C LYS A 245 -4.74 6.01 -13.59
N ALA A 246 -6.01 6.45 -13.54
CA ALA A 246 -6.73 6.41 -12.27
C ALA A 246 -7.08 4.98 -11.88
N ASN A 247 -7.39 4.14 -12.87
CA ASN A 247 -7.75 2.75 -12.56
C ASN A 247 -6.54 1.92 -12.15
N VAL A 248 -5.41 2.08 -12.84
CA VAL A 248 -4.17 1.44 -12.40
C VAL A 248 -3.81 1.89 -11.00
N ALA A 249 -3.88 3.20 -10.74
CA ALA A 249 -3.57 3.69 -9.39
C ALA A 249 -4.54 3.13 -8.37
N LYS A 250 -5.83 3.09 -8.69
CA LYS A 250 -6.82 2.49 -7.80
C LYS A 250 -6.45 1.03 -7.48
N PHE A 251 -6.01 0.29 -8.51
CA PHE A 251 -5.64 -1.10 -8.33
C PHE A 251 -4.49 -1.25 -7.34
N PHE A 252 -3.41 -0.49 -7.54
CA PHE A 252 -2.26 -0.58 -6.65
C PHE A 252 -2.58 -0.03 -5.26
N ASN A 253 -3.48 0.96 -5.16
CA ASN A 253 -3.89 1.43 -3.84
C ASN A 253 -4.47 0.29 -3.02
N ILE A 254 -5.38 -0.48 -3.62
CA ILE A 254 -6.03 -1.58 -2.91
C ILE A 254 -5.03 -2.68 -2.57
N LEU A 255 -4.25 -3.13 -3.57
CA LEU A 255 -3.36 -4.26 -3.29
C LEU A 255 -2.18 -3.84 -2.40
N LYS A 256 -1.72 -2.58 -2.46
CA LYS A 256 -0.68 -2.20 -1.50
C LYS A 256 -1.24 -2.08 -0.08
N SER A 257 -2.54 -1.84 0.05
CA SER A 257 -3.16 -1.78 1.38
C SER A 257 -3.14 -3.15 2.06
N VAL A 258 -3.31 -4.24 1.30
CA VAL A 258 -3.34 -5.59 1.86
C VAL A 258 -2.03 -6.36 1.60
N ALA A 259 -0.98 -5.65 1.19
CA ALA A 259 0.31 -6.31 0.98
C ALA A 259 0.88 -6.86 2.29
N MET A 260 1.69 -7.91 2.16
CA MET A 260 2.42 -8.50 3.27
C MET A 260 3.75 -7.78 3.40
N ILE A 261 3.96 -7.03 4.49
CA ILE A 261 5.08 -6.09 4.60
C ILE A 261 6.29 -6.79 5.17
N LYS A 262 7.45 -6.53 4.55
CA LYS A 262 8.66 -7.30 4.88
C LYS A 262 9.10 -7.03 6.31
N GLY A 263 9.38 -8.12 7.04
CA GLY A 263 9.67 -8.05 8.44
C GLY A 263 8.48 -8.28 9.36
N SER A 264 7.26 -8.16 8.87
CA SER A 264 6.09 -8.33 9.73
C SER A 264 5.58 -9.77 9.78
N VAL A 265 6.09 -10.65 8.90
CA VAL A 265 5.68 -12.05 8.85
C VAL A 265 6.94 -12.89 8.70
N VAL A 266 7.20 -13.77 9.67
CA VAL A 266 8.31 -14.71 9.61
C VAL A 266 7.75 -16.12 9.70
N ASN A 267 7.99 -16.95 8.68
CA ASN A 267 7.38 -18.28 8.65
C ASN A 267 8.08 -19.22 9.64
N LYS A 268 7.56 -20.43 9.78
CA LYS A 268 8.09 -21.33 10.79
C LYS A 268 9.51 -21.79 10.51
N LEU A 269 10.03 -21.58 9.30
CA LEU A 269 11.43 -21.90 9.02
C LEU A 269 12.38 -20.73 9.21
N GLY A 270 11.88 -19.57 9.65
CA GLY A 270 12.75 -18.45 9.93
C GLY A 270 12.90 -17.47 8.79
N SER A 271 12.07 -17.57 7.77
CA SER A 271 12.22 -16.72 6.58
C SER A 271 11.11 -15.69 6.51
N ASP A 272 11.48 -14.46 6.09
CA ASP A 272 10.50 -13.38 5.84
C ASP A 272 9.57 -13.75 4.70
N GLU A 273 8.26 -13.58 4.92
CA GLU A 273 7.25 -13.70 3.87
C GLU A 273 6.72 -12.31 3.55
N TYR A 274 6.73 -11.93 2.29
CA TYR A 274 6.29 -10.57 1.98
C TYR A 274 5.91 -10.46 0.52
N THR A 275 5.22 -9.38 0.20
CA THR A 275 4.81 -9.11 -1.17
C THR A 275 6.03 -8.73 -2.00
N VAL A 276 6.51 -9.63 -2.86
CA VAL A 276 7.70 -9.36 -3.64
C VAL A 276 7.35 -8.59 -4.91
N TYR A 277 6.13 -8.76 -5.46
CA TYR A 277 5.71 -7.94 -6.57
C TYR A 277 4.20 -7.75 -6.52
N THR A 278 3.75 -6.63 -7.06
CA THR A 278 2.34 -6.37 -7.32
C THR A 278 2.19 -6.14 -8.82
N ALA A 279 1.23 -6.81 -9.45
CA ALA A 279 1.07 -6.71 -10.89
C ALA A 279 -0.38 -6.50 -11.27
N CYS A 280 -0.60 -5.69 -12.32
CA CYS A 280 -1.92 -5.32 -12.81
C CYS A 280 -1.90 -5.41 -14.32
N TYR A 281 -2.80 -6.20 -14.91
CA TYR A 281 -2.98 -6.22 -16.36
C TYR A 281 -4.16 -5.34 -16.73
N SER A 282 -3.94 -4.40 -17.63
CA SER A 282 -5.02 -3.58 -18.20
C SER A 282 -5.40 -4.16 -19.56
N ALA A 283 -6.62 -4.71 -19.65
CA ALA A 283 -7.06 -5.31 -20.90
C ALA A 283 -7.12 -4.27 -22.02
N ALA A 284 -7.51 -3.03 -21.68
CA ALA A 284 -7.72 -2.00 -22.70
C ALA A 284 -6.41 -1.62 -23.39
N THR A 285 -5.30 -1.60 -22.68
CA THR A 285 -4.01 -1.26 -23.27
C THR A 285 -3.10 -2.47 -23.48
N LYS A 286 -3.56 -3.68 -23.13
CA LYS A 286 -2.73 -4.88 -23.21
C LYS A 286 -1.39 -4.67 -22.51
N THR A 287 -1.43 -3.95 -21.39
CA THR A 287 -0.21 -3.60 -20.66
C THR A 287 -0.21 -4.32 -19.32
N TYR A 288 0.94 -4.91 -18.99
CA TYR A 288 1.20 -5.54 -17.70
C TYR A 288 2.07 -4.57 -16.89
N TYR A 289 1.48 -4.00 -15.84
CA TYR A 289 2.16 -3.11 -14.91
C TYR A 289 2.60 -3.91 -13.68
N CYS A 290 3.79 -3.60 -13.16
CA CYS A 290 4.18 -4.20 -11.89
C CYS A 290 5.20 -3.33 -11.18
N ASN A 291 5.31 -3.51 -9.85
CA ASN A 291 6.46 -3.02 -9.11
C ASN A 291 6.89 -4.09 -8.11
N PHE A 292 7.97 -3.81 -7.39
CA PHE A 292 8.65 -4.80 -6.55
C PHE A 292 8.90 -4.24 -5.17
N GLU A 293 9.12 -5.16 -4.21
CA GLU A 293 9.34 -4.73 -2.83
C GLU A 293 10.49 -3.73 -2.72
N ASN A 294 11.53 -3.88 -3.55
CA ASN A 294 12.71 -3.02 -3.46
C ASN A 294 12.85 -2.06 -4.64
N ASP A 295 11.76 -1.82 -5.37
CA ASP A 295 11.81 -1.02 -6.61
C ASP A 295 10.36 -0.62 -6.90
N PHE A 296 9.98 0.57 -6.43
CA PHE A 296 8.57 0.95 -6.34
C PHE A 296 7.99 1.58 -7.60
N GLU A 297 8.81 2.18 -8.45
CA GLU A 297 8.31 2.81 -9.67
C GLU A 297 7.69 1.77 -10.57
N LEU A 298 6.49 2.06 -11.11
CA LEU A 298 5.83 1.10 -12.00
C LEU A 298 6.68 0.81 -13.23
N LYS A 299 6.80 -0.47 -13.55
CA LYS A 299 7.33 -0.99 -14.82
C LYS A 299 6.19 -1.43 -15.72
N THR A 300 6.40 -1.36 -17.03
CA THR A 300 5.34 -1.76 -17.97
C THR A 300 5.89 -2.66 -19.06
N TYR A 301 5.07 -3.61 -19.49
CA TYR A 301 5.39 -4.57 -20.53
C TYR A 301 4.12 -4.76 -21.32
N LYS A 302 4.23 -4.95 -22.64
CA LYS A 302 3.06 -4.79 -23.49
C LYS A 302 2.97 -5.87 -24.56
N LEU A 303 1.75 -6.32 -24.81
CA LEU A 303 1.42 -7.06 -26.01
C LEU A 303 1.15 -6.08 -27.15
N ASP A 304 1.96 -6.14 -28.20
CA ASP A 304 1.75 -5.28 -29.36
C ASP A 304 2.09 -6.07 -30.62
N ASP A 305 2.01 -5.40 -31.77
CA ASP A 305 2.17 -6.07 -33.05
C ASP A 305 3.54 -6.73 -33.20
N GLU A 306 4.55 -6.21 -32.49
CA GLU A 306 5.86 -6.85 -32.49
C GLU A 306 5.89 -8.04 -31.53
N THR A 307 5.52 -7.82 -30.26
CA THR A 307 5.68 -8.88 -29.26
C THR A 307 4.70 -10.03 -29.50
N MET A 308 3.49 -9.74 -30.00
CA MET A 308 2.51 -10.79 -30.22
C MET A 308 2.91 -11.72 -31.36
N ASN A 309 3.80 -11.28 -32.26
CA ASN A 309 4.16 -12.03 -33.46
C ASN A 309 5.63 -12.41 -33.48
N ALA A 310 6.30 -12.43 -32.32
CA ALA A 310 7.68 -12.87 -32.28
C ALA A 310 7.77 -14.36 -32.56
N ASP A 311 8.97 -14.81 -32.92
CA ASP A 311 9.18 -16.22 -33.24
C ASP A 311 9.68 -17.04 -32.06
N LYS A 312 9.94 -16.41 -30.91
CA LYS A 312 10.32 -17.13 -29.70
C LYS A 312 9.75 -16.37 -28.51
N LEU A 313 9.90 -16.96 -27.32
CA LEU A 313 9.47 -16.27 -26.11
C LEU A 313 10.28 -14.98 -25.92
N ILE A 314 9.64 -13.98 -25.37
CA ILE A 314 10.35 -12.79 -24.91
C ILE A 314 10.41 -12.86 -23.40
N THR A 315 11.62 -12.98 -22.85
CA THR A 315 11.76 -13.14 -21.40
C THR A 315 12.62 -12.02 -20.86
N TYR A 316 12.09 -11.29 -19.90
CA TYR A 316 12.83 -10.23 -19.25
C TYR A 316 13.61 -10.85 -18.10
N HIS A 317 14.85 -10.43 -17.93
CA HIS A 317 15.67 -11.07 -16.92
C HIS A 317 15.07 -10.89 -15.53
N HIS A 318 15.28 -11.90 -14.69
CA HIS A 318 14.74 -11.91 -13.33
C HIS A 318 15.23 -10.72 -12.51
N HIS A 319 14.30 -10.05 -11.84
CA HIS A 319 14.59 -9.02 -10.85
C HIS A 319 14.80 -9.70 -9.49
N HIS A 320 15.94 -9.46 -8.84
CA HIS A 320 16.23 -10.32 -7.70
C HIS A 320 15.58 -9.85 -6.39
N HIS A 321 15.23 -10.84 -5.56
CA HIS A 321 14.70 -10.62 -4.22
C HIS A 321 15.06 -11.81 -3.34
N HIS A 322 14.59 -11.76 -2.08
CA HIS A 322 14.95 -12.74 -1.04
C HIS A 322 16.43 -13.14 -1.05
N CYS B 2 -3.70 11.11 8.33
CA CYS B 2 -2.30 11.27 7.99
C CYS B 2 -1.42 10.42 8.84
N THR B 3 -0.35 9.95 8.23
CA THR B 3 0.69 9.20 8.92
C THR B 3 2.03 9.75 8.49
N GLY B 4 2.84 10.15 9.45
CA GLY B 4 4.21 10.55 9.21
C GLY B 4 5.13 9.39 9.54
N LEU B 5 6.24 9.29 8.80
CA LEU B 5 7.13 8.14 8.88
C LEU B 5 8.56 8.57 8.61
N ARG B 6 9.51 8.07 9.41
CA ARG B 6 10.93 8.25 9.10
C ARG B 6 11.73 7.02 9.52
N PHE B 7 12.82 6.78 8.80
CA PHE B 7 13.85 5.81 9.17
C PHE B 7 15.13 6.17 8.43
N THR B 8 16.21 5.45 8.72
CA THR B 8 17.47 5.61 7.99
C THR B 8 17.95 4.29 7.40
N ASP B 9 18.90 4.37 6.46
CA ASP B 9 19.54 3.17 5.92
C ASP B 9 20.73 2.81 6.79
N ASP B 10 21.59 1.92 6.30
CA ASP B 10 22.74 1.51 7.09
C ASP B 10 23.81 2.59 7.21
N GLN B 11 23.77 3.65 6.41
CA GLN B 11 24.76 4.71 6.46
C GLN B 11 24.28 5.97 7.17
N GLY B 12 23.08 5.96 7.74
CA GLY B 12 22.57 7.17 8.33
C GLY B 12 21.90 8.12 7.37
N ASN B 13 21.57 7.67 6.16
CA ASN B 13 20.78 8.49 5.25
C ASN B 13 19.31 8.43 5.65
N LEU B 14 18.66 9.59 5.74
CA LEU B 14 17.30 9.72 6.25
C LEU B 14 16.26 9.64 5.14
N TYR B 15 15.17 8.91 5.41
CA TYR B 15 13.98 8.87 4.56
C TYR B 15 12.77 9.23 5.42
N PHE B 16 12.07 10.30 5.06
CA PHE B 16 11.13 10.95 5.97
C PHE B 16 10.01 11.56 5.13
N GLY B 17 8.76 11.28 5.48
CA GLY B 17 7.65 11.83 4.73
C GLY B 17 6.29 11.53 5.37
N ARG B 18 5.24 11.54 4.55
CA ARG B 18 3.90 11.43 5.11
C ARG B 18 2.89 11.05 4.04
N ASN B 19 1.80 10.44 4.50
CA ASN B 19 0.52 10.40 3.80
C ASN B 19 -0.29 11.65 4.14
N LEU B 20 -0.99 12.21 3.15
CA LEU B 20 -2.00 13.24 3.40
C LEU B 20 -3.37 12.61 3.20
N ASP B 21 -4.12 12.47 4.29
CA ASP B 21 -5.46 11.89 4.29
C ASP B 21 -6.47 12.99 4.60
N VAL B 22 -7.30 13.35 3.61
CA VAL B 22 -8.19 14.50 3.73
C VAL B 22 -9.49 14.20 3.02
N GLY B 23 -10.50 15.01 3.33
CA GLY B 23 -11.80 14.89 2.73
C GLY B 23 -12.13 16.06 1.83
N GLN B 24 -11.11 16.80 1.39
CA GLN B 24 -11.34 17.90 0.48
C GLN B 24 -10.06 18.27 -0.24
N ASP B 25 -10.23 18.99 -1.35
CA ASP B 25 -9.12 19.48 -2.16
C ASP B 25 -8.60 20.80 -1.61
N TYR B 26 -7.29 20.93 -1.51
CA TYR B 26 -6.65 22.14 -1.00
C TYR B 26 -5.84 22.90 -2.04
N GLY B 27 -5.71 22.38 -3.26
CA GLY B 27 -4.92 23.08 -4.28
C GLY B 27 -3.42 22.96 -4.14
N GLU B 28 -2.93 21.91 -3.50
CA GLU B 28 -1.51 21.87 -3.13
C GLU B 28 -0.65 21.40 -4.31
N GLY B 29 0.65 21.70 -4.22
CA GLY B 29 1.62 21.21 -5.18
C GLY B 29 3.00 21.30 -4.54
N VAL B 30 3.99 20.78 -5.26
CA VAL B 30 5.36 20.83 -4.74
C VAL B 30 5.91 22.24 -4.91
N ILE B 31 6.50 22.78 -3.85
CA ILE B 31 7.03 24.14 -3.83
C ILE B 31 8.48 24.05 -3.41
N ILE B 32 9.38 24.56 -4.24
CA ILE B 32 10.77 24.76 -3.84
C ILE B 32 10.92 26.23 -3.48
N THR B 33 11.32 26.48 -2.23
CA THR B 33 11.59 27.84 -1.81
C THR B 33 13.09 28.07 -1.85
N PRO B 34 13.59 28.95 -2.72
CA PRO B 34 15.04 29.11 -2.87
C PRO B 34 15.65 29.85 -1.70
N ARG B 35 16.98 29.79 -1.63
CA ARG B 35 17.73 30.69 -0.76
C ARG B 35 17.35 32.15 -1.02
N ASN B 36 17.54 32.99 0.00
CA ASN B 36 17.40 34.45 -0.12
C ASN B 36 15.99 34.89 -0.53
N TYR B 37 14.96 34.12 -0.15
CA TYR B 37 13.59 34.51 -0.47
C TYR B 37 12.97 35.31 0.67
N PRO B 38 12.12 36.30 0.37
CA PRO B 38 11.52 37.14 1.42
C PRO B 38 10.71 36.33 2.42
N LEU B 39 11.10 36.42 3.70
CA LEU B 39 10.46 35.64 4.77
C LEU B 39 9.91 36.56 5.86
N PRO B 40 8.65 36.96 5.76
CA PRO B 40 8.04 37.77 6.82
C PRO B 40 7.63 36.93 8.03
N TYR B 41 7.60 37.60 9.20
CA TYR B 41 7.15 37.04 10.46
C TYR B 41 6.15 37.99 11.11
N LYS B 42 5.13 37.43 11.75
CA LYS B 42 4.11 38.25 12.39
C LYS B 42 4.65 38.96 13.64
N PHE B 43 5.55 38.31 14.38
CA PHE B 43 6.00 38.81 15.67
C PHE B 43 7.51 38.85 15.79
N LEU B 44 8.23 38.71 14.69
CA LEU B 44 9.68 38.84 14.69
C LEU B 44 10.10 39.71 13.52
N ASP B 45 11.39 40.08 13.52
CA ASP B 45 11.94 40.84 12.41
C ASP B 45 11.83 40.05 11.12
N ASN B 46 11.18 40.65 10.12
CA ASN B 46 11.19 40.07 8.78
C ASN B 46 12.62 39.87 8.30
N THR B 47 12.80 38.84 7.48
CA THR B 47 14.14 38.41 7.07
C THR B 47 14.02 37.71 5.71
N THR B 48 15.06 36.96 5.34
CA THR B 48 15.03 36.12 4.15
C THR B 48 15.53 34.72 4.51
N THR B 49 15.23 33.78 3.62
CA THR B 49 15.62 32.39 3.85
C THR B 49 17.12 32.21 3.67
N LYS B 50 17.72 31.37 4.53
CA LYS B 50 19.12 31.00 4.47
C LYS B 50 19.33 29.62 3.86
N LYS B 51 18.29 28.79 3.80
CA LYS B 51 18.41 27.44 3.25
C LYS B 51 17.25 27.19 2.31
N ALA B 52 17.52 26.49 1.21
CA ALA B 52 16.43 26.09 0.33
C ALA B 52 15.63 24.98 1.00
N VAL B 53 14.32 24.99 0.78
CA VAL B 53 13.44 23.93 1.29
C VAL B 53 12.52 23.47 0.16
N ILE B 54 11.97 22.26 0.34
CA ILE B 54 11.08 21.66 -0.64
C ILE B 54 9.97 20.92 0.11
N GLY B 55 8.76 20.92 -0.45
CA GLY B 55 7.68 20.18 0.15
C GLY B 55 6.37 20.46 -0.56
N MET B 56 5.31 19.86 -0.03
CA MET B 56 3.95 20.16 -0.48
C MET B 56 3.33 21.32 0.30
N GLY B 57 2.63 22.18 -0.43
CA GLY B 57 1.93 23.28 0.18
C GLY B 57 1.14 24.07 -0.83
N ILE B 58 0.68 25.23 -0.38
CA ILE B 58 0.07 26.25 -1.24
C ILE B 58 0.81 27.55 -1.00
N VAL B 59 0.65 28.49 -1.93
CA VAL B 59 1.25 29.82 -1.82
C VAL B 59 0.15 30.82 -1.54
N VAL B 60 0.31 31.61 -0.47
CA VAL B 60 -0.66 32.62 -0.05
C VAL B 60 0.05 33.97 -0.03
N ASP B 61 -0.33 34.85 -0.95
CA ASP B 61 0.26 36.18 -1.05
C ASP B 61 1.79 36.09 -1.04
N GLY B 62 2.33 35.23 -1.88
CA GLY B 62 3.76 35.03 -1.98
C GLY B 62 4.41 34.25 -0.85
N TYR B 63 3.62 33.80 0.14
CA TYR B 63 4.17 33.04 1.27
C TYR B 63 3.94 31.56 1.04
N PRO B 64 4.97 30.71 1.05
CA PRO B 64 4.76 29.28 0.82
C PRO B 64 4.30 28.59 2.10
N SER B 65 3.05 28.14 2.09
CA SER B 65 2.39 27.56 3.25
C SER B 65 2.48 26.04 3.15
N TYR B 66 3.45 25.45 3.83
CA TYR B 66 3.82 24.05 3.63
C TYR B 66 2.98 23.09 4.48
N PHE B 67 2.57 21.97 3.86
CA PHE B 67 2.03 20.83 4.60
C PHE B 67 3.16 20.00 5.20
N ASP B 68 4.26 19.89 4.47
CA ASP B 68 5.49 19.28 4.94
C ASP B 68 6.62 20.00 4.22
N CYS B 69 7.80 20.05 4.82
CA CYS B 69 8.91 20.64 4.08
C CYS B 69 10.23 20.25 4.71
N PHE B 70 11.27 20.28 3.87
CA PHE B 70 12.55 19.66 4.19
C PHE B 70 13.65 20.57 3.69
N ASN B 71 14.67 20.82 4.50
CA ASN B 71 15.70 21.74 4.07
C ASN B 71 16.89 21.00 3.46
N GLU B 72 17.73 21.76 2.75
CA GLU B 72 18.85 21.18 2.02
C GLU B 72 19.83 20.49 2.94
N ASP B 73 19.80 20.80 4.23
CA ASP B 73 20.70 20.16 5.18
C ASP B 73 20.13 18.87 5.77
N GLY B 74 18.93 18.47 5.34
CA GLY B 74 18.42 17.17 5.74
C GLY B 74 17.55 17.16 6.97
N LEU B 75 17.04 18.30 7.40
CA LEU B 75 16.07 18.38 8.48
C LEU B 75 14.70 18.71 7.90
N GLY B 76 13.65 18.06 8.41
CA GLY B 76 12.32 18.25 7.89
C GLY B 76 11.28 18.30 8.99
N ILE B 77 10.06 18.65 8.57
CA ILE B 77 8.92 18.82 9.46
C ILE B 77 7.64 18.57 8.67
N ALA B 78 6.71 17.85 9.30
CA ALA B 78 5.39 17.64 8.72
C ALA B 78 4.34 18.06 9.73
N GLY B 79 3.31 18.74 9.25
CA GLY B 79 2.18 19.13 10.08
C GLY B 79 1.01 18.22 9.82
N LEU B 80 0.45 17.68 10.90
CA LEU B 80 -0.68 16.75 10.86
C LEU B 80 -1.76 17.26 11.80
N ASN B 81 -3.01 16.95 11.46
CA ASN B 81 -4.13 17.42 12.26
C ASN B 81 -4.11 16.81 13.66
N PHE B 82 -4.48 17.64 14.65
CA PHE B 82 -4.53 17.26 16.06
C PHE B 82 -5.86 17.73 16.62
N PRO B 83 -6.98 17.28 16.05
CA PRO B 83 -8.27 17.85 16.43
C PRO B 83 -8.68 17.44 17.84
N HIS B 84 -9.46 18.33 18.48
CA HIS B 84 -9.96 18.20 19.84
C HIS B 84 -8.86 18.36 20.86
N PHE B 85 -7.63 18.68 20.45
CA PHE B 85 -6.51 18.84 21.36
C PHE B 85 -5.77 20.16 21.14
N ALA B 86 -5.38 20.44 19.89
CA ALA B 86 -4.48 21.55 19.64
C ALA B 86 -5.12 22.88 20.05
N LYS B 87 -4.35 23.69 20.77
CA LYS B 87 -4.74 25.06 21.12
C LYS B 87 -3.47 25.87 21.33
N PHE B 88 -3.40 27.04 20.70
CA PHE B 88 -2.26 27.93 20.82
C PHE B 88 -2.66 29.21 21.56
N SER B 89 -1.66 30.02 21.88
CA SER B 89 -1.86 31.20 22.72
C SER B 89 -2.85 32.17 22.08
N ASP B 90 -3.51 32.94 22.94
CA ASP B 90 -4.45 33.94 22.44
C ASP B 90 -3.70 35.09 21.76
N GLY B 91 -2.44 35.33 22.15
CA GLY B 91 -1.62 36.34 21.53
C GLY B 91 -0.17 36.20 21.93
N PRO B 92 0.67 37.13 21.48
CA PRO B 92 2.10 37.04 21.77
C PRO B 92 2.41 37.37 23.22
N ILE B 93 3.54 36.85 23.68
CA ILE B 93 3.98 36.98 25.07
C ILE B 93 5.40 37.56 25.06
N ASP B 94 5.56 38.75 25.62
CA ASP B 94 6.86 39.41 25.63
C ASP B 94 7.88 38.55 26.37
N GLY B 95 9.04 38.33 25.75
CA GLY B 95 10.09 37.51 26.29
C GLY B 95 10.27 36.19 25.56
N LYS B 96 9.24 35.73 24.83
CA LYS B 96 9.27 34.47 24.11
C LYS B 96 9.47 34.70 22.62
N ILE B 97 10.00 33.69 21.93
CA ILE B 97 9.98 33.66 20.48
C ILE B 97 8.56 33.36 20.04
N ASN B 98 7.87 34.38 19.55
CA ASN B 98 6.45 34.29 19.25
C ASN B 98 6.24 33.97 17.77
N LEU B 99 5.59 32.85 17.48
CA LEU B 99 5.27 32.45 16.12
C LEU B 99 3.79 32.15 16.00
N ALA B 100 3.13 32.73 14.98
CA ALA B 100 1.85 32.18 14.58
C ALA B 100 2.08 30.74 14.14
N SER B 101 1.15 29.85 14.49
CA SER B 101 1.44 28.42 14.39
C SER B 101 1.85 28.02 12.97
N TYR B 102 1.29 28.68 11.96
CA TYR B 102 1.65 28.36 10.58
C TYR B 102 3.10 28.69 10.24
N GLU B 103 3.74 29.58 11.00
CA GLU B 103 5.11 29.96 10.67
C GLU B 103 6.13 28.96 11.18
N ILE B 104 5.71 27.92 11.91
CA ILE B 104 6.71 27.04 12.50
C ILE B 104 7.39 26.17 11.43
N MET B 105 6.69 25.85 10.34
CA MET B 105 7.31 25.12 9.23
C MET B 105 8.60 25.79 8.75
N LEU B 106 8.51 27.05 8.36
CA LEU B 106 9.71 27.74 7.86
C LEU B 106 10.65 28.12 8.98
N TRP B 107 10.10 28.45 10.16
CA TRP B 107 10.96 28.78 11.29
C TRP B 107 11.91 27.64 11.59
N VAL B 108 11.41 26.41 11.60
CA VAL B 108 12.23 25.25 11.92
C VAL B 108 13.22 24.97 10.80
N THR B 109 12.74 24.92 9.55
CA THR B 109 13.64 24.50 8.47
C THR B 109 14.64 25.58 8.09
N GLN B 110 14.36 26.85 8.42
CA GLN B 110 15.32 27.89 8.06
C GLN B 110 16.46 28.05 9.07
N ASN B 111 16.22 27.74 10.34
CA ASN B 111 17.19 28.08 11.39
C ASN B 111 17.94 26.90 11.97
N PHE B 112 17.66 25.66 11.58
CA PHE B 112 18.25 24.52 12.25
C PHE B 112 18.66 23.43 11.27
N THR B 113 19.69 22.67 11.66
CA THR B 113 20.05 21.44 10.98
C THR B 113 20.09 20.23 11.92
N LYS B 114 20.00 20.43 13.23
CA LYS B 114 19.99 19.35 14.20
C LYS B 114 18.72 19.44 15.04
N VAL B 115 18.10 18.29 15.27
CA VAL B 115 16.89 18.25 16.09
C VAL B 115 17.21 18.60 17.53
N SER B 116 18.41 18.25 18.00
CA SER B 116 18.83 18.62 19.35
C SER B 116 18.75 20.13 19.57
N ASP B 117 19.13 20.92 18.55
CA ASP B 117 19.01 22.38 18.66
C ASP B 117 17.56 22.82 18.63
N VAL B 118 16.72 22.14 17.83
CA VAL B 118 15.31 22.53 17.75
C VAL B 118 14.64 22.39 19.11
N LYS B 119 14.91 21.29 19.80
CA LYS B 119 14.24 21.07 21.08
C LYS B 119 14.76 22.04 22.14
N GLU B 120 16.03 22.43 22.05
CA GLU B 120 16.54 23.43 22.97
C GLU B 120 15.88 24.78 22.74
N ALA B 121 15.72 25.18 21.48
CA ALA B 121 15.11 26.47 21.17
C ALA B 121 13.62 26.49 21.49
N LEU B 122 12.96 25.33 21.45
CA LEU B 122 11.51 25.32 21.68
C LEU B 122 11.13 25.67 23.10
N LYS B 123 12.08 25.63 24.04
CA LYS B 123 11.76 26.04 25.40
C LYS B 123 11.44 27.53 25.52
N ASN B 124 11.83 28.34 24.54
CA ASN B 124 11.52 29.78 24.57
C ASN B 124 10.47 30.18 23.54
N VAL B 125 9.72 29.21 23.00
CA VAL B 125 8.80 29.47 21.89
C VAL B 125 7.37 29.53 22.41
N ASN B 126 6.56 30.41 21.81
CA ASN B 126 5.15 30.53 22.12
C ASN B 126 4.37 30.56 20.80
N LEU B 127 3.50 29.57 20.60
CA LEU B 127 2.73 29.47 19.37
C LEU B 127 1.41 30.22 19.57
N VAL B 128 1.04 31.03 18.58
CA VAL B 128 -0.09 31.93 18.70
C VAL B 128 -1.20 31.49 17.75
N ASN B 129 -2.44 31.52 18.24
CA ASN B 129 -3.63 31.21 17.45
C ASN B 129 -3.91 32.36 16.48
N GLU B 130 -3.11 32.44 15.42
CA GLU B 130 -3.33 33.43 14.37
C GLU B 130 -3.00 32.86 12.99
N ALA B 131 -3.92 33.04 12.04
CA ALA B 131 -3.69 32.62 10.66
C ALA B 131 -2.95 33.72 9.90
N ILE B 132 -2.56 33.40 8.65
CA ILE B 132 -1.85 34.37 7.83
C ILE B 132 -2.72 35.59 7.58
N ASN B 133 -4.03 35.41 7.55
CA ASN B 133 -5.01 36.48 7.43
C ASN B 133 -6.40 35.89 7.68
N SER B 134 -7.37 36.78 7.85
CA SER B 134 -8.74 36.40 8.23
C SER B 134 -9.44 35.52 7.21
N SER B 135 -8.85 35.27 6.04
CA SER B 135 -9.50 34.41 5.07
C SER B 135 -9.30 32.92 5.38
N PHE B 136 -8.27 32.57 6.15
CA PHE B 136 -7.97 31.18 6.46
C PHE B 136 -8.12 30.92 7.96
N ALA B 137 -8.66 29.76 8.31
CA ALA B 137 -8.72 29.40 9.71
C ALA B 137 -7.36 28.86 10.18
N VAL B 138 -7.17 28.86 11.48
CA VAL B 138 -5.94 28.30 12.04
C VAL B 138 -6.06 26.79 12.05
N ALA B 139 -5.06 26.11 11.52
CA ALA B 139 -5.13 24.66 11.49
C ALA B 139 -4.72 24.09 12.85
N PRO B 140 -5.49 23.16 13.41
CA PRO B 140 -5.13 22.55 14.71
C PRO B 140 -4.13 21.41 14.59
N LEU B 141 -2.87 21.77 14.37
CA LEU B 141 -1.82 20.83 14.00
C LEU B 141 -0.97 20.41 15.19
N HIS B 142 -0.38 19.21 15.06
CA HIS B 142 0.85 18.86 15.76
C HIS B 142 1.88 18.52 14.69
N TRP B 143 3.15 18.39 15.10
CA TRP B 143 4.23 18.27 14.14
C TRP B 143 5.18 17.13 14.50
N ILE B 144 5.70 16.46 13.47
CA ILE B 144 6.86 15.58 13.61
C ILE B 144 8.04 16.24 12.90
N ILE B 145 9.18 16.27 13.58
CA ILE B 145 10.41 16.90 13.10
C ILE B 145 11.51 15.87 13.17
N SER B 146 12.33 15.76 12.11
CA SER B 146 13.37 14.74 12.14
C SER B 146 14.61 15.16 11.37
N ASP B 147 15.76 14.73 11.87
CA ASP B 147 17.01 14.65 11.14
C ASP B 147 17.43 13.18 11.13
N LYS B 148 18.66 12.92 10.66
CA LYS B 148 19.11 11.53 10.53
C LYS B 148 19.27 10.83 11.87
N ASP B 149 19.36 11.58 12.97
CA ASP B 149 19.63 10.98 14.28
C ASP B 149 18.36 10.76 15.10
N GLU B 150 17.45 11.71 15.12
CA GLU B 150 16.31 11.63 16.03
C GLU B 150 15.10 12.31 15.39
N ALA B 151 13.91 11.82 15.76
CA ALA B 151 12.66 12.49 15.48
C ALA B 151 12.01 12.91 16.79
N ILE B 152 11.36 14.06 16.78
CA ILE B 152 10.61 14.56 17.92
C ILE B 152 9.21 14.94 17.46
N ILE B 153 8.28 14.89 18.41
CA ILE B 153 6.89 15.31 18.22
C ILE B 153 6.67 16.58 19.02
N VAL B 154 5.98 17.55 18.43
CA VAL B 154 5.66 18.81 19.09
C VAL B 154 4.16 18.92 19.19
N GLU B 155 3.64 18.98 20.42
CA GLU B 155 2.21 19.06 20.66
C GLU B 155 1.94 20.18 21.65
N VAL B 156 0.97 21.03 21.31
CA VAL B 156 0.49 22.13 22.17
C VAL B 156 -1.01 21.97 22.29
N SER B 157 -1.47 21.61 23.48
CA SER B 157 -2.88 21.28 23.68
C SER B 157 -3.47 22.13 24.79
N LYS B 158 -4.79 22.32 24.71
CA LYS B 158 -5.51 22.87 25.86
C LYS B 158 -5.37 21.97 27.07
N GLN B 159 -5.26 20.64 26.86
CA GLN B 159 -5.18 19.71 27.98
C GLN B 159 -3.83 19.77 28.69
N TYR B 160 -2.73 19.86 27.92
CA TYR B 160 -1.39 19.69 28.50
C TYR B 160 -0.40 20.81 28.22
N GLY B 161 -0.80 21.87 27.50
CA GLY B 161 0.23 22.84 27.19
C GLY B 161 1.18 22.34 26.11
N MET B 162 2.41 22.86 26.13
CA MET B 162 3.41 22.57 25.11
C MET B 162 4.22 21.34 25.54
N LYS B 163 4.25 20.32 24.68
CA LYS B 163 4.98 19.09 24.96
C LYS B 163 5.86 18.72 23.78
N VAL B 164 7.07 18.25 24.07
CA VAL B 164 8.01 17.80 23.05
C VAL B 164 8.48 16.40 23.43
N PHE B 165 8.24 15.43 22.56
CA PHE B 165 8.56 14.03 22.82
C PHE B 165 9.64 13.51 21.88
N ASP B 166 10.51 12.64 22.39
CA ASP B 166 11.36 11.85 21.51
C ASP B 166 10.53 10.71 20.91
N ASP B 167 10.70 10.45 19.61
CA ASP B 167 9.87 9.50 18.86
C ASP B 167 10.75 8.42 18.22
N LYS B 168 11.10 7.41 19.01
CA LYS B 168 11.95 6.32 18.52
C LYS B 168 11.21 5.38 17.57
N LEU B 169 9.88 5.41 17.57
CA LEU B 169 9.09 4.62 16.62
C LEU B 169 9.14 5.18 15.22
N GLY B 170 9.45 6.49 15.10
CA GLY B 170 9.51 7.15 13.82
C GLY B 170 8.19 7.40 13.15
N VAL B 171 7.08 7.41 13.90
CA VAL B 171 5.76 7.56 13.29
C VAL B 171 4.93 8.57 14.07
N LEU B 172 3.96 9.17 13.37
CA LEU B 172 2.96 10.04 13.99
C LEU B 172 1.68 9.92 13.21
N THR B 173 0.53 9.95 13.90
CA THR B 173 -0.75 10.05 13.19
C THR B 173 -1.56 11.24 13.69
N ASN B 174 -2.79 11.02 14.12
CA ASN B 174 -3.65 12.12 14.56
C ASN B 174 -4.03 11.93 16.04
N SER B 175 -5.20 12.40 16.46
CA SER B 175 -5.54 12.42 17.88
C SER B 175 -5.88 11.01 18.40
N PRO B 176 -5.68 10.75 19.70
CA PRO B 176 -5.26 11.68 20.76
C PRO B 176 -3.76 11.99 20.81
N ASP B 177 -3.31 12.47 21.98
CA ASP B 177 -1.96 12.96 22.18
C ASP B 177 -0.93 11.84 22.08
N PHE B 178 0.33 12.25 21.87
CA PHE B 178 1.37 11.26 21.56
C PHE B 178 1.61 10.31 22.72
N ASN B 179 1.57 10.80 23.96
CA ASN B 179 1.78 9.91 25.09
C ASN B 179 0.68 8.85 25.16
N TRP B 180 -0.55 9.22 24.80
CA TRP B 180 -1.63 8.23 24.74
C TRP B 180 -1.28 7.10 23.78
N HIS B 181 -0.79 7.44 22.57
CA HIS B 181 -0.46 6.41 21.58
C HIS B 181 0.71 5.55 22.04
N LEU B 182 1.76 6.17 22.62
CA LEU B 182 2.89 5.40 23.13
C LEU B 182 2.43 4.39 24.17
N THR B 183 1.57 4.84 25.08
CA THR B 183 1.03 3.97 26.12
C THR B 183 0.22 2.81 25.52
N ASN B 184 -0.58 3.11 24.49
CA ASN B 184 -1.40 2.10 23.83
C ASN B 184 -0.57 0.93 23.32
N LEU B 185 0.70 1.18 22.92
CA LEU B 185 1.50 0.11 22.34
C LEU B 185 1.69 -1.06 23.29
N GLY B 186 1.73 -0.81 24.60
CA GLY B 186 1.88 -1.88 25.57
C GLY B 186 0.74 -2.90 25.53
N ASN B 187 -0.43 -2.50 25.05
CA ASN B 187 -1.55 -3.41 24.91
C ASN B 187 -1.42 -4.33 23.70
N TYR B 188 -0.44 -4.09 22.84
CA TYR B 188 -0.21 -4.88 21.64
C TYR B 188 1.08 -5.68 21.71
N THR B 189 1.66 -5.84 22.90
CA THR B 189 2.86 -6.67 23.03
C THR B 189 2.63 -8.13 22.66
N GLY B 190 1.37 -8.57 22.52
CA GLY B 190 1.10 -9.93 22.06
C GLY B 190 1.38 -10.15 20.59
N LEU B 191 1.53 -9.08 19.82
CA LEU B 191 1.88 -9.19 18.41
C LEU B 191 3.27 -9.81 18.26
N ASP B 192 3.43 -10.65 17.27
CA ASP B 192 4.69 -11.34 17.02
C ASP B 192 4.80 -11.60 15.52
N PRO B 193 5.84 -11.09 14.84
CA PRO B 193 6.00 -11.44 13.43
C PRO B 193 6.11 -12.94 13.17
N HIS B 194 6.54 -13.73 14.15
CA HIS B 194 6.74 -15.17 13.94
C HIS B 194 5.40 -15.90 13.90
N ASP B 195 5.22 -16.72 12.87
CA ASP B 195 4.00 -17.49 12.70
C ASP B 195 3.80 -18.45 13.87
N ALA B 196 2.54 -18.71 14.19
CA ALA B 196 2.22 -19.84 15.04
C ALA B 196 2.43 -21.15 14.27
N THR B 197 2.35 -22.26 14.99
CA THR B 197 2.41 -23.59 14.39
C THR B 197 1.27 -24.45 14.94
N ALA B 198 1.23 -25.71 14.48
CA ALA B 198 0.11 -26.60 14.79
C ALA B 198 -0.02 -26.84 16.29
N GLN B 199 -1.26 -26.90 16.77
CA GLN B 199 -1.56 -27.05 18.19
C GLN B 199 -2.57 -28.17 18.39
N SER B 200 -2.60 -28.71 19.61
CA SER B 200 -3.56 -29.73 19.98
C SER B 200 -4.55 -29.12 20.97
N TRP B 201 -5.80 -28.93 20.54
CA TRP B 201 -6.85 -28.42 21.41
C TRP B 201 -7.64 -29.65 21.86
N ASN B 202 -7.24 -30.20 23.00
CA ASN B 202 -7.76 -31.48 23.48
C ASN B 202 -7.75 -32.56 22.39
N GLY B 203 -6.66 -32.63 21.64
CA GLY B 203 -6.55 -33.65 20.61
C GLY B 203 -7.10 -33.27 19.26
N GLN B 204 -7.86 -32.18 19.16
CA GLN B 204 -8.23 -31.62 17.85
C GLN B 204 -7.04 -30.85 17.31
N LYS B 205 -6.53 -31.25 16.15
CA LYS B 205 -5.44 -30.50 15.56
C LYS B 205 -5.96 -29.16 15.08
N VAL B 206 -5.33 -28.09 15.53
CA VAL B 206 -5.69 -26.72 15.15
C VAL B 206 -4.39 -26.09 14.67
N ALA B 207 -4.32 -25.78 13.39
CA ALA B 207 -3.09 -25.37 12.75
C ALA B 207 -3.36 -24.22 11.78
N PRO B 208 -2.37 -23.34 11.58
CA PRO B 208 -2.55 -22.21 10.65
C PRO B 208 -2.87 -22.68 9.24
N TRP B 209 -3.75 -21.93 8.57
CA TRP B 209 -4.07 -22.19 7.17
C TRP B 209 -3.08 -21.51 6.23
N GLY B 210 -2.44 -20.44 6.68
CA GLY B 210 -1.44 -19.71 5.91
C GLY B 210 -0.60 -18.92 6.88
N VAL B 211 0.39 -18.19 6.34
CA VAL B 211 1.29 -17.40 7.19
C VAL B 211 0.59 -16.13 7.67
N GLY B 212 1.15 -15.52 8.72
CA GLY B 212 0.62 -14.30 9.31
C GLY B 212 -0.02 -14.45 10.68
N THR B 213 -0.10 -15.66 11.24
CA THR B 213 -0.92 -15.86 12.42
C THR B 213 -0.39 -15.17 13.67
N GLY B 214 0.92 -14.88 13.74
CA GLY B 214 1.45 -14.22 14.91
C GLY B 214 0.95 -12.80 15.12
N SER B 215 0.42 -12.15 14.08
CA SER B 215 -0.04 -10.76 14.21
C SER B 215 -1.57 -10.66 14.35
N LEU B 216 -2.20 -11.74 14.82
CA LEU B 216 -3.59 -11.70 15.27
C LEU B 216 -3.87 -10.50 16.15
N GLY B 217 -4.94 -9.77 15.84
CA GLY B 217 -5.29 -8.56 16.56
C GLY B 217 -4.70 -7.26 16.02
N LEU B 218 -3.87 -7.31 14.99
CA LEU B 218 -3.36 -6.06 14.40
C LEU B 218 -4.49 -5.35 13.67
N PRO B 219 -4.78 -4.08 13.98
CA PRO B 219 -5.97 -3.43 13.38
C PRO B 219 -5.70 -2.96 11.95
N GLY B 220 -6.73 -3.07 11.09
CA GLY B 220 -6.60 -2.67 9.70
C GLY B 220 -7.45 -1.47 9.30
N ASP B 221 -8.16 -0.89 10.26
CA ASP B 221 -9.00 0.27 10.02
C ASP B 221 -8.18 1.58 10.09
N SER B 222 -8.84 2.69 9.77
CA SER B 222 -8.15 3.97 9.64
C SER B 222 -8.28 4.88 10.87
N ILE B 223 -8.82 4.38 11.98
CA ILE B 223 -8.83 5.15 13.23
C ILE B 223 -7.39 5.55 13.56
N PRO B 224 -7.09 6.81 13.96
CA PRO B 224 -5.68 7.20 14.15
C PRO B 224 -4.90 6.31 15.10
N ALA B 225 -5.52 5.90 16.20
CA ALA B 225 -4.86 4.98 17.14
C ALA B 225 -4.43 3.69 16.45
N ASP B 226 -5.24 3.20 15.50
CA ASP B 226 -4.97 1.91 14.88
C ASP B 226 -3.91 2.03 13.79
N ARG B 227 -3.96 3.10 12.99
CA ARG B 227 -2.86 3.39 12.07
C ARG B 227 -1.55 3.62 12.81
N PHE B 228 -1.59 4.23 13.99
CA PHE B 228 -0.36 4.44 14.75
C PHE B 228 0.27 3.10 15.13
N VAL B 229 -0.54 2.20 15.69
CA VAL B 229 -0.03 0.91 16.13
C VAL B 229 0.58 0.16 14.95
N LYS B 230 -0.15 0.09 13.84
CA LYS B 230 0.33 -0.68 12.70
C LYS B 230 1.55 -0.03 12.07
N ALA B 231 1.56 1.30 11.92
CA ALA B 231 2.74 1.94 11.32
C ALA B 231 3.97 1.74 12.20
N ALA B 232 3.81 1.85 13.53
CA ALA B 232 4.94 1.62 14.42
C ALA B 232 5.43 0.19 14.32
N TYR B 233 4.49 -0.77 14.30
CA TYR B 233 4.87 -2.18 14.24
C TYR B 233 5.62 -2.49 12.95
N LEU B 234 5.13 -1.97 11.82
CA LEU B 234 5.82 -2.21 10.55
C LEU B 234 7.20 -1.55 10.54
N ASN B 235 7.30 -0.30 11.00
CA ASN B 235 8.57 0.42 10.89
C ASN B 235 9.65 -0.26 11.72
N VAL B 236 9.33 -0.66 12.95
CA VAL B 236 10.38 -1.20 13.80
C VAL B 236 10.74 -2.62 13.40
N ASN B 237 9.88 -3.33 12.66
CA ASN B 237 10.20 -4.68 12.21
C ASN B 237 10.72 -4.74 10.78
N TYR B 238 10.58 -3.68 9.99
CA TYR B 238 11.14 -3.66 8.64
C TYR B 238 12.66 -3.69 8.71
N PRO B 239 13.32 -4.60 8.02
CA PRO B 239 14.79 -4.62 8.09
C PRO B 239 15.39 -3.35 7.51
N THR B 240 16.59 -3.03 7.96
CA THR B 240 17.32 -1.95 7.32
C THR B 240 17.76 -2.41 5.94
N VAL B 241 17.54 -1.58 4.92
CA VAL B 241 17.85 -1.94 3.54
C VAL B 241 18.90 -0.97 2.99
N LYS B 242 19.49 -1.34 1.86
CA LYS B 242 20.66 -0.67 1.29
C LYS B 242 20.30 0.03 -0.01
N GLY B 243 20.70 1.29 -0.14
CA GLY B 243 20.60 2.01 -1.39
C GLY B 243 19.30 2.78 -1.55
N GLU B 244 19.36 3.77 -2.45
CA GLU B 244 18.26 4.72 -2.60
C GLU B 244 16.99 4.03 -3.09
N LYS B 245 17.11 3.19 -4.12
CA LYS B 245 15.93 2.55 -4.66
C LYS B 245 15.20 1.74 -3.60
N ALA B 246 15.94 0.87 -2.89
CA ALA B 246 15.32 -0.03 -1.93
C ALA B 246 14.73 0.73 -0.75
N ASN B 247 15.38 1.83 -0.33
CA ASN B 247 14.87 2.57 0.81
C ASN B 247 13.64 3.38 0.44
N VAL B 248 13.59 3.93 -0.77
CA VAL B 248 12.40 4.64 -1.20
C VAL B 248 11.23 3.68 -1.30
N ALA B 249 11.47 2.48 -1.83
CA ALA B 249 10.40 1.50 -1.95
C ALA B 249 9.89 1.07 -0.58
N LYS B 250 10.81 0.78 0.34
CA LYS B 250 10.45 0.44 1.71
C LYS B 250 9.54 1.49 2.32
N PHE B 251 9.86 2.77 2.09
CA PHE B 251 9.04 3.85 2.62
C PHE B 251 7.61 3.79 2.09
N PHE B 252 7.47 3.72 0.77
CA PHE B 252 6.14 3.66 0.16
C PHE B 252 5.43 2.34 0.52
N ASN B 253 6.17 1.24 0.66
CA ASN B 253 5.55 -0.02 1.08
C ASN B 253 4.83 0.17 2.40
N ILE B 254 5.51 0.80 3.37
CA ILE B 254 4.93 1.00 4.70
C ILE B 254 3.75 1.97 4.64
N LEU B 255 3.94 3.15 4.05
CA LEU B 255 2.86 4.12 4.07
C LEU B 255 1.67 3.69 3.21
N LYS B 256 1.88 2.95 2.12
CA LYS B 256 0.71 2.49 1.40
C LYS B 256 -0.04 1.40 2.17
N SER B 257 0.66 0.70 3.07
CA SER B 257 0.00 -0.31 3.89
C SER B 257 -1.01 0.31 4.86
N VAL B 258 -0.72 1.52 5.36
CA VAL B 258 -1.60 2.20 6.31
C VAL B 258 -2.35 3.36 5.63
N ALA B 259 -2.41 3.37 4.31
CA ALA B 259 -3.16 4.39 3.62
C ALA B 259 -4.64 4.27 3.91
N MET B 260 -5.32 5.41 3.87
CA MET B 260 -6.77 5.50 3.99
C MET B 260 -7.36 5.37 2.58
N ILE B 261 -8.12 4.31 2.36
CA ILE B 261 -8.47 3.88 1.00
C ILE B 261 -9.80 4.51 0.59
N LYS B 262 -9.83 5.10 -0.60
CA LYS B 262 -11.01 5.85 -1.06
C LYS B 262 -12.26 5.00 -1.04
N GLY B 263 -13.31 5.50 -0.40
CA GLY B 263 -14.56 4.79 -0.26
C GLY B 263 -14.72 3.99 1.03
N SER B 264 -13.62 3.76 1.76
CA SER B 264 -13.71 3.00 3.00
C SER B 264 -13.95 3.88 4.22
N VAL B 265 -13.86 5.20 4.08
CA VAL B 265 -14.09 6.14 5.19
C VAL B 265 -14.96 7.27 4.67
N VAL B 266 -16.15 7.45 5.26
CA VAL B 266 -17.04 8.56 4.94
C VAL B 266 -17.29 9.36 6.21
N ASN B 267 -16.89 10.64 6.21
CA ASN B 267 -16.99 11.43 7.43
C ASN B 267 -18.45 11.81 7.70
N LYS B 268 -18.67 12.50 8.82
CA LYS B 268 -20.04 12.80 9.23
C LYS B 268 -20.71 13.84 8.36
N LEU B 269 -19.96 14.56 7.52
CA LEU B 269 -20.54 15.44 6.51
C LEU B 269 -20.81 14.75 5.18
N GLY B 270 -20.51 13.46 5.06
CA GLY B 270 -20.78 12.71 3.85
C GLY B 270 -19.69 12.71 2.81
N SER B 271 -18.49 13.18 3.14
CA SER B 271 -17.36 13.18 2.20
C SER B 271 -16.43 12.00 2.44
N ASP B 272 -15.92 11.43 1.33
CA ASP B 272 -14.85 10.44 1.40
C ASP B 272 -13.58 11.07 1.95
N GLU B 273 -12.98 10.42 2.93
CA GLU B 273 -11.64 10.76 3.41
C GLU B 273 -10.67 9.68 2.94
N TYR B 274 -9.54 10.09 2.37
CA TYR B 274 -8.61 9.11 1.81
C TYR B 274 -7.24 9.75 1.62
N THR B 275 -6.25 8.88 1.41
CA THR B 275 -4.87 9.31 1.18
C THR B 275 -4.76 9.90 -0.21
N VAL B 276 -4.64 11.23 -0.30
CA VAL B 276 -4.55 11.88 -1.62
C VAL B 276 -3.14 11.82 -2.17
N TYR B 277 -2.12 11.87 -1.31
CA TYR B 277 -0.76 11.66 -1.77
C TYR B 277 0.08 11.01 -0.67
N THR B 278 1.17 10.39 -1.11
CA THR B 278 2.23 9.86 -0.27
C THR B 278 3.54 10.47 -0.73
N ALA B 279 4.32 11.01 0.20
CA ALA B 279 5.55 11.71 -0.17
C ALA B 279 6.70 11.25 0.70
N CYS B 280 7.87 11.14 0.08
CA CYS B 280 9.11 10.71 0.73
C CYS B 280 10.24 11.66 0.36
N TYR B 281 10.92 12.23 1.36
CA TYR B 281 12.11 13.05 1.13
C TYR B 281 13.35 12.22 1.47
N SER B 282 14.25 12.09 0.51
CA SER B 282 15.53 11.44 0.72
C SER B 282 16.57 12.52 0.96
N ALA B 283 17.13 12.58 2.17
CA ALA B 283 18.13 13.60 2.46
C ALA B 283 19.40 13.38 1.64
N ALA B 284 19.77 12.12 1.39
CA ALA B 284 21.02 11.84 0.69
C ALA B 284 21.03 12.37 -0.74
N THR B 285 19.88 12.36 -1.42
CA THR B 285 19.78 12.88 -2.77
C THR B 285 19.01 14.19 -2.85
N LYS B 286 18.60 14.75 -1.71
CA LYS B 286 17.81 15.98 -1.67
C LYS B 286 16.61 15.91 -2.61
N THR B 287 16.01 14.71 -2.70
CA THR B 287 14.92 14.44 -3.63
C THR B 287 13.61 14.20 -2.89
N TYR B 288 12.56 14.88 -3.33
CA TYR B 288 11.21 14.69 -2.81
C TYR B 288 10.44 13.80 -3.79
N TYR B 289 10.08 12.60 -3.37
CA TYR B 289 9.29 11.68 -4.19
C TYR B 289 7.84 11.71 -3.74
N CYS B 290 6.90 11.67 -4.70
CA CYS B 290 5.50 11.55 -4.31
C CYS B 290 4.69 10.83 -5.38
N ASN B 291 3.58 10.21 -4.95
CA ASN B 291 2.55 9.80 -5.88
C ASN B 291 1.20 10.15 -5.27
N PHE B 292 0.15 9.91 -6.05
CA PHE B 292 -1.19 10.42 -5.74
C PHE B 292 -2.22 9.32 -5.88
N GLU B 293 -3.41 9.57 -5.31
CA GLU B 293 -4.46 8.56 -5.32
C GLU B 293 -4.83 8.14 -6.73
N ASN B 294 -4.78 9.06 -7.70
CA ASN B 294 -5.19 8.72 -9.06
C ASN B 294 -4.01 8.71 -10.02
N ASP B 295 -2.78 8.70 -9.52
CA ASP B 295 -1.60 8.60 -10.39
C ASP B 295 -0.48 7.98 -9.58
N PHE B 296 -0.22 6.68 -9.81
CA PHE B 296 0.63 5.89 -8.91
C PHE B 296 2.12 5.99 -9.24
N GLU B 297 2.49 6.43 -10.44
CA GLU B 297 3.89 6.57 -10.78
C GLU B 297 4.56 7.59 -9.87
N LEU B 298 5.80 7.30 -9.46
CA LEU B 298 6.54 8.21 -8.59
C LEU B 298 7.02 9.42 -9.38
N LYS B 299 6.70 10.62 -8.89
CA LYS B 299 7.26 11.84 -9.44
C LYS B 299 8.35 12.36 -8.51
N THR B 300 9.36 13.02 -9.08
CA THR B 300 10.52 13.42 -8.31
C THR B 300 10.81 14.90 -8.51
N TYR B 301 11.23 15.56 -7.42
CA TYR B 301 11.57 16.98 -7.40
C TYR B 301 12.80 17.14 -6.52
N LYS B 302 13.75 18.00 -6.92
CA LYS B 302 15.07 17.93 -6.32
C LYS B 302 15.63 19.29 -5.95
N LEU B 303 16.32 19.36 -4.82
CA LEU B 303 17.14 20.51 -4.45
C LEU B 303 18.53 20.31 -5.05
N ASP B 304 18.87 21.14 -6.04
CA ASP B 304 20.18 21.12 -6.67
C ASP B 304 20.65 22.56 -6.83
N ASP B 305 21.84 22.74 -7.42
CA ASP B 305 22.38 24.09 -7.57
C ASP B 305 21.50 24.96 -8.45
N GLU B 306 20.70 24.37 -9.33
CA GLU B 306 19.77 25.17 -10.12
C GLU B 306 18.57 25.63 -9.29
N THR B 307 17.95 24.72 -8.53
CA THR B 307 16.72 25.07 -7.82
C THR B 307 17.00 25.77 -6.48
N MET B 308 18.12 25.45 -5.82
CA MET B 308 18.41 26.09 -4.53
C MET B 308 18.71 27.58 -4.67
N ASN B 309 19.09 28.03 -5.87
CA ASN B 309 19.52 29.40 -6.09
C ASN B 309 18.56 30.18 -7.00
N ALA B 310 17.35 29.68 -7.17
CA ALA B 310 16.39 30.31 -8.07
C ALA B 310 16.03 31.71 -7.59
N ASP B 311 15.52 32.52 -8.53
CA ASP B 311 15.10 33.90 -8.27
C ASP B 311 13.59 34.01 -8.13
N LYS B 312 12.92 32.94 -7.74
CA LYS B 312 11.49 32.92 -7.47
C LYS B 312 11.17 31.60 -6.80
N LEU B 313 9.93 31.46 -6.34
CA LEU B 313 9.46 30.13 -5.94
C LEU B 313 9.23 29.29 -7.18
N ILE B 314 9.70 28.05 -7.14
CA ILE B 314 9.45 27.08 -8.20
C ILE B 314 8.24 26.26 -7.78
N THR B 315 7.12 26.55 -8.44
CA THR B 315 5.84 25.91 -8.07
C THR B 315 5.42 24.92 -9.15
N TYR B 316 5.42 23.64 -8.82
CA TYR B 316 4.98 22.60 -9.79
C TYR B 316 3.45 22.59 -9.80
N HIS B 317 2.83 21.81 -10.68
CA HIS B 317 1.36 21.90 -10.84
C HIS B 317 0.57 21.20 -9.74
N HIS B 318 -0.72 21.54 -9.65
CA HIS B 318 -1.63 20.91 -8.66
C HIS B 318 -2.26 19.66 -9.29
#